data_2OLT
#
_entry.id   2OLT
#
_cell.length_a   99.530
_cell.length_b   99.530
_cell.length_c   395.920
_cell.angle_alpha   90.000
_cell.angle_beta   90.000
_cell.angle_gamma   120.000
#
_symmetry.space_group_name_H-M   'H 3 2'
#
loop_
_entity.id
_entity.type
_entity.pdbx_description
1 polymer 'Hypothetical protein'
2 non-polymer 'CHLORIDE ION'
3 non-polymer GLYCEROL
4 water water
#
_entity_poly.entity_id   1
_entity_poly.type   'polypeptide(L)'
_entity_poly.pdbx_seq_one_letter_code
;G(MSE)PVNSILGVFAKSPIKPLQEH(MSE)DKVYDCASLLVPFFEATITGNWDDAVQIRKQISLAEKQGDSLKREIRLT
LPSGLF(MSE)PVERTDLLELLTQQDKIANKAKDISGRVIGRQLLIPQALQVPFIAYLQRCIDAVGLAQQVINELDDLLE
AGFRGREVDFVAK(MSE)INELDIIEEDTDDLQIQLRRQLFALESELNPVDV(MSE)FLYKTIEWVGGLADLAERVGSRL
EL(MSE)LARV
;
_entity_poly.pdbx_strand_id   A,B,C
#
loop_
_chem_comp.id
_chem_comp.type
_chem_comp.name
_chem_comp.formula
CL non-polymer 'CHLORIDE ION' 'Cl -1'
GOL non-polymer GLYCEROL 'C3 H8 O3'
#
# COMPACT_ATOMS: atom_id res chain seq x y z
N SER A 14 9.58 -16.01 -9.11
CA SER A 14 9.40 -17.48 -9.10
C SER A 14 8.47 -17.84 -10.23
N PRO A 15 7.87 -19.03 -10.15
CA PRO A 15 6.95 -19.62 -11.15
C PRO A 15 5.70 -18.82 -11.34
N ILE A 16 5.34 -18.06 -10.32
CA ILE A 16 4.19 -17.24 -10.38
C ILE A 16 4.45 -15.94 -11.16
N LYS A 17 5.70 -15.57 -11.39
CA LYS A 17 5.96 -14.25 -12.02
C LYS A 17 5.34 -14.05 -13.40
N PRO A 18 5.47 -15.04 -14.31
CA PRO A 18 4.81 -14.83 -15.59
C PRO A 18 3.29 -14.70 -15.46
N LEU A 19 2.69 -15.38 -14.47
CA LEU A 19 1.25 -15.28 -14.26
C LEU A 19 0.91 -13.90 -13.77
N GLN A 20 1.76 -13.36 -12.91
CA GLN A 20 1.55 -12.02 -12.38
C GLN A 20 1.61 -11.00 -13.50
N GLU A 21 2.58 -11.15 -14.38
CA GLU A 21 2.70 -10.28 -15.53
C GLU A 21 1.48 -10.33 -16.43
N HIS A 22 0.96 -11.54 -16.67
CA HIS A 22 -0.25 -11.68 -17.44
C HIS A 22 -1.46 -11.03 -16.73
N MSE A 23 -1.60 -11.27 -15.44
CA MSE A 23 -2.65 -10.65 -14.67
C MSE A 23 -2.58 -9.13 -14.73
O MSE A 23 -3.64 -8.49 -14.93
CB MSE A 23 -2.67 -11.14 -13.22
CG MSE A 23 -3.87 -10.61 -12.42
SE MSE A 23 -5.58 -11.38 -12.89
CE MSE A 23 -6.42 -9.77 -13.19
N ASP A 24 -1.37 -8.57 -14.65
CA ASP A 24 -1.21 -7.12 -14.73
C ASP A 24 -1.72 -6.61 -16.10
N LYS A 25 -1.36 -7.29 -17.19
CA LYS A 25 -1.84 -6.90 -18.54
C LYS A 25 -3.37 -6.98 -18.63
N VAL A 26 -3.92 -8.05 -18.09
CA VAL A 26 -5.38 -8.26 -18.08
C VAL A 26 -6.10 -7.14 -17.30
N TYR A 27 -5.56 -6.75 -16.16
CA TYR A 27 -6.09 -5.64 -15.40
C TYR A 27 -6.03 -4.33 -16.20
N ASP A 28 -4.89 -4.05 -16.82
CA ASP A 28 -4.75 -2.88 -17.65
C ASP A 28 -5.81 -2.86 -18.73
N CYS A 29 -6.04 -4.02 -19.33
CA CYS A 29 -7.00 -4.11 -20.44
C CYS A 29 -8.44 -3.79 -19.96
N ALA A 30 -8.84 -4.42 -18.87
CA ALA A 30 -10.14 -4.16 -18.30
C ALA A 30 -10.29 -2.71 -17.83
N SER A 31 -9.24 -2.15 -17.25
CA SER A 31 -9.25 -0.80 -16.75
C SER A 31 -9.55 0.25 -17.81
N LEU A 32 -9.14 -0.02 -19.04
CA LEU A 32 -9.39 0.89 -20.12
C LEU A 32 -10.90 1.05 -20.42
N LEU A 33 -11.75 0.16 -19.90
CA LEU A 33 -13.17 0.28 -20.10
C LEU A 33 -13.72 1.57 -19.51
N VAL A 34 -13.09 2.08 -18.47
CA VAL A 34 -13.57 3.33 -17.86
C VAL A 34 -13.39 4.56 -18.80
N PRO A 35 -12.16 4.85 -19.25
CA PRO A 35 -12.10 5.95 -20.22
C PRO A 35 -12.82 5.63 -21.53
N PHE A 36 -12.94 4.36 -21.89
CA PHE A 36 -13.67 3.99 -23.10
C PHE A 36 -15.11 4.46 -22.99
N PHE A 37 -15.78 4.04 -21.93
CA PHE A 37 -17.12 4.49 -21.69
C PHE A 37 -17.27 5.99 -21.47
N GLU A 38 -16.33 6.58 -20.74
CA GLU A 38 -16.35 8.03 -20.55
C GLU A 38 -16.36 8.76 -21.90
N ALA A 39 -15.60 8.25 -22.87
CA ALA A 39 -15.56 8.86 -24.19
C ALA A 39 -16.91 8.68 -24.88
N THR A 40 -17.50 7.50 -24.82
CA THR A 40 -18.80 7.29 -25.49
C THR A 40 -19.83 8.26 -24.90
N ILE A 41 -19.75 8.49 -23.60
CA ILE A 41 -20.69 9.33 -22.88
C ILE A 41 -20.61 10.80 -23.28
N THR A 42 -19.42 11.28 -23.56
CA THR A 42 -19.27 12.66 -24.02
C THR A 42 -19.50 12.78 -25.52
N GLY A 43 -19.87 11.70 -26.19
CA GLY A 43 -20.07 11.72 -27.63
C GLY A 43 -18.80 11.73 -28.49
N ASN A 44 -17.63 11.47 -27.92
N ASN A 44 -17.65 11.42 -27.89
CA ASN A 44 -16.44 11.43 -28.78
CA ASN A 44 -16.40 11.36 -28.64
C ASN A 44 -16.18 9.98 -29.18
C ASN A 44 -16.18 9.95 -29.16
N TRP A 45 -16.90 9.54 -30.22
CA TRP A 45 -16.79 8.19 -30.76
C TRP A 45 -15.46 7.92 -31.43
N ASP A 46 -14.82 8.95 -31.98
CA ASP A 46 -13.51 8.73 -32.54
C ASP A 46 -12.55 8.31 -31.43
N ASP A 47 -12.61 9.02 -30.31
CA ASP A 47 -11.77 8.70 -29.19
C ASP A 47 -12.11 7.33 -28.61
N ALA A 48 -13.40 6.97 -28.56
CA ALA A 48 -13.80 5.67 -28.07
C ALA A 48 -13.23 4.60 -28.97
N VAL A 49 -13.24 4.85 -30.28
CA VAL A 49 -12.64 3.89 -31.23
C VAL A 49 -11.14 3.72 -30.95
N GLN A 50 -10.46 4.83 -30.70
CA GLN A 50 -9.04 4.75 -30.36
C GLN A 50 -8.79 3.98 -29.05
N ILE A 51 -9.64 4.20 -28.04
CA ILE A 51 -9.46 3.50 -26.78
C ILE A 51 -9.75 1.99 -26.93
N ARG A 52 -10.72 1.66 -27.76
CA ARG A 52 -10.95 0.28 -28.07
C ARG A 52 -9.72 -0.36 -28.75
N LYS A 53 -8.99 0.41 -29.56
CA LYS A 53 -7.76 -0.11 -30.14
C LYS A 53 -6.76 -0.42 -29.00
N GLN A 54 -6.73 0.42 -27.98
CA GLN A 54 -5.83 0.23 -26.83
C GLN A 54 -6.29 -1.06 -26.08
N ILE A 55 -7.59 -1.20 -25.91
CA ILE A 55 -8.13 -2.39 -25.28
C ILE A 55 -7.74 -3.65 -26.09
N SER A 56 -7.89 -3.59 -27.40
CA SER A 56 -7.50 -4.70 -28.27
C SER A 56 -6.01 -5.01 -28.21
N LEU A 57 -5.18 -3.97 -28.12
CA LEU A 57 -3.76 -4.16 -28.03
C LEU A 57 -3.39 -4.92 -26.76
N ALA A 58 -3.93 -4.45 -25.65
CA ALA A 58 -3.65 -5.08 -24.35
C ALA A 58 -4.09 -6.54 -24.37
N GLU A 59 -5.20 -6.80 -25.04
CA GLU A 59 -5.69 -8.17 -25.17
C GLU A 59 -4.73 -8.99 -26.02
N LYS A 60 -4.19 -8.41 -27.09
CA LYS A 60 -3.26 -9.10 -27.94
C LYS A 60 -1.98 -9.42 -27.14
N GLN A 61 -1.49 -8.42 -26.41
CA GLN A 61 -0.27 -8.55 -25.64
C GLN A 61 -0.45 -9.64 -24.56
N GLY A 62 -1.60 -9.65 -23.93
CA GLY A 62 -1.93 -10.68 -22.95
C GLY A 62 -1.97 -12.08 -23.57
N ASP A 63 -2.57 -12.19 -24.74
CA ASP A 63 -2.60 -13.45 -25.45
C ASP A 63 -1.17 -13.94 -25.82
N SER A 64 -0.26 -13.02 -26.16
CA SER A 64 1.10 -13.40 -26.46
C SER A 64 1.79 -13.96 -25.22
N LEU A 65 1.64 -13.30 -24.07
CA LEU A 65 2.19 -13.78 -22.83
C LEU A 65 1.60 -15.15 -22.51
N LYS A 66 0.30 -15.28 -22.69
CA LYS A 66 -0.39 -16.55 -22.49
C LYS A 66 0.21 -17.66 -23.36
N ARG A 67 0.42 -17.39 -24.64
CA ARG A 67 1.01 -18.37 -25.52
C ARG A 67 2.39 -18.83 -25.02
N GLU A 68 3.22 -17.86 -24.61
CA GLU A 68 4.57 -18.17 -24.17
C GLU A 68 4.54 -19.05 -22.94
N ILE A 69 3.65 -18.73 -22.01
CA ILE A 69 3.50 -19.56 -20.81
C ILE A 69 3.08 -20.99 -21.16
N ARG A 70 2.10 -21.12 -22.04
CA ARG A 70 1.60 -22.44 -22.44
C ARG A 70 2.65 -23.31 -23.12
N LEU A 71 3.55 -22.70 -23.87
CA LEU A 71 4.57 -23.42 -24.57
C LEU A 71 5.86 -23.60 -23.73
N THR A 72 5.89 -23.05 -22.52
CA THR A 72 7.03 -23.14 -21.62
C THR A 72 6.77 -24.00 -20.39
N LEU A 73 5.70 -23.70 -19.65
CA LEU A 73 5.29 -24.41 -18.41
C LEU A 73 5.67 -25.90 -18.54
N PRO A 74 5.16 -26.61 -19.59
CA PRO A 74 5.53 -28.04 -19.86
C PRO A 74 7.02 -28.45 -19.83
N SER A 75 7.93 -27.48 -19.92
CA SER A 75 9.36 -27.76 -19.84
C SER A 75 9.89 -27.53 -18.41
N GLY A 76 8.98 -27.25 -17.49
CA GLY A 76 9.31 -27.02 -16.09
C GLY A 76 9.77 -28.27 -15.37
N LEU A 77 10.79 -28.13 -14.51
CA LEU A 77 11.33 -29.26 -13.76
C LEU A 77 10.75 -29.28 -12.33
N PHE A 78 11.57 -29.03 -11.32
CA PHE A 78 11.11 -29.02 -9.94
C PHE A 78 10.28 -27.72 -9.86
N MSE A 79 9.14 -27.75 -9.16
CA MSE A 79 8.28 -26.58 -9.13
C MSE A 79 7.37 -26.65 -7.92
O MSE A 79 6.83 -27.71 -7.65
CB MSE A 79 7.47 -26.54 -10.43
CG MSE A 79 7.46 -25.18 -11.03
SE MSE A 79 6.28 -25.02 -12.59
CE MSE A 79 7.15 -26.22 -13.73
N PRO A 80 7.17 -25.51 -7.22
CA PRO A 80 6.38 -25.48 -6.00
C PRO A 80 4.87 -25.49 -6.18
N VAL A 81 4.40 -25.38 -7.42
CA VAL A 81 2.97 -25.39 -7.71
C VAL A 81 2.73 -26.34 -8.89
N GLU A 82 1.48 -26.77 -9.09
CA GLU A 82 1.16 -27.64 -10.20
C GLU A 82 1.09 -26.86 -11.50
N ARG A 83 1.73 -27.42 -12.53
CA ARG A 83 1.65 -26.87 -13.88
C ARG A 83 0.21 -26.69 -14.26
N THR A 84 -0.63 -27.69 -13.96
CA THR A 84 -2.02 -27.60 -14.35
C THR A 84 -2.76 -26.46 -13.64
N ASP A 85 -2.45 -26.19 -12.39
CA ASP A 85 -3.07 -25.06 -11.70
C ASP A 85 -2.71 -23.77 -12.39
N LEU A 86 -1.45 -23.63 -12.80
CA LEU A 86 -1.02 -22.39 -13.48
C LEU A 86 -1.72 -22.22 -14.79
N LEU A 87 -1.96 -23.33 -15.50
CA LEU A 87 -2.68 -23.27 -16.78
C LEU A 87 -4.12 -22.84 -16.56
N GLU A 88 -4.78 -23.43 -15.58
CA GLU A 88 -6.16 -23.11 -15.24
C GLU A 88 -6.29 -21.69 -14.78
N LEU A 89 -5.30 -21.20 -14.03
CA LEU A 89 -5.30 -19.82 -13.60
C LEU A 89 -5.20 -18.88 -14.82
N LEU A 90 -4.26 -19.16 -15.70
CA LEU A 90 -4.09 -18.42 -16.94
C LEU A 90 -5.37 -18.36 -17.76
N THR A 91 -6.06 -19.48 -17.88
CA THR A 91 -7.31 -19.51 -18.58
C THR A 91 -8.34 -18.53 -18.00
N GLN A 92 -8.45 -18.44 -16.67
CA GLN A 92 -9.42 -17.55 -16.08
C GLN A 92 -9.00 -16.12 -16.21
N GLN A 93 -7.70 -15.86 -16.08
CA GLN A 93 -7.19 -14.51 -16.26
C GLN A 93 -7.49 -13.99 -17.66
N ASP A 94 -7.19 -14.82 -18.65
CA ASP A 94 -7.39 -14.46 -20.06
C ASP A 94 -8.83 -14.03 -20.36
N LYS A 95 -9.79 -14.76 -19.83
CA LYS A 95 -11.21 -14.47 -20.05
C LYS A 95 -11.56 -13.02 -19.70
N ILE A 96 -10.88 -12.42 -18.73
CA ILE A 96 -11.17 -11.06 -18.33
C ILE A 96 -10.83 -10.07 -19.44
N ALA A 97 -9.65 -10.20 -20.01
CA ALA A 97 -9.25 -9.37 -21.14
C ALA A 97 -10.21 -9.61 -22.34
N ASN A 98 -10.47 -10.85 -22.67
CA ASN A 98 -11.39 -11.13 -23.75
C ASN A 98 -12.77 -10.46 -23.52
N LYS A 99 -13.23 -10.42 -22.28
CA LYS A 99 -14.51 -9.84 -21.95
C LYS A 99 -14.46 -8.33 -22.22
N ALA A 100 -13.41 -7.65 -21.77
CA ALA A 100 -13.25 -6.24 -22.00
C ALA A 100 -13.23 -5.93 -23.50
N LYS A 101 -12.52 -6.74 -24.26
CA LYS A 101 -12.45 -6.55 -25.72
C LYS A 101 -13.86 -6.68 -26.35
N ASP A 102 -14.54 -7.77 -25.99
CA ASP A 102 -15.87 -8.05 -26.45
C ASP A 102 -16.91 -6.95 -26.12
N ILE A 103 -16.95 -6.52 -24.87
CA ILE A 103 -17.85 -5.48 -24.44
C ILE A 103 -17.59 -4.21 -25.27
N SER A 104 -16.35 -3.81 -25.40
CA SER A 104 -16.03 -2.59 -26.13
C SER A 104 -16.38 -2.69 -27.61
N GLY A 105 -16.25 -3.88 -28.18
CA GLY A 105 -16.59 -4.11 -29.56
C GLY A 105 -18.08 -3.99 -29.78
N ARG A 106 -18.89 -4.56 -28.89
CA ARG A 106 -20.32 -4.43 -29.07
C ARG A 106 -20.76 -2.97 -28.94
N VAL A 107 -20.16 -2.24 -28.03
CA VAL A 107 -20.55 -0.85 -27.80
C VAL A 107 -20.22 0.02 -29.06
N ILE A 108 -19.05 -0.15 -29.61
CA ILE A 108 -18.67 0.53 -30.85
C ILE A 108 -19.60 0.10 -31.99
N GLY A 109 -19.89 -1.20 -32.05
CA GLY A 109 -20.77 -1.75 -33.08
C GLY A 109 -22.18 -1.20 -33.13
N ARG A 110 -22.78 -0.98 -31.97
CA ARG A 110 -24.12 -0.45 -31.90
C ARG A 110 -24.09 1.06 -31.63
N GLN A 111 -22.92 1.64 -31.44
CA GLN A 111 -22.78 3.03 -30.95
C GLN A 111 -23.71 3.17 -29.77
N LEU A 112 -23.57 2.26 -28.84
CA LEU A 112 -24.47 2.17 -27.72
C LEU A 112 -24.29 3.31 -26.76
N LEU A 113 -25.35 4.09 -26.58
CA LEU A 113 -25.32 5.23 -25.65
C LEU A 113 -26.00 4.93 -24.31
N ILE A 114 -25.26 5.07 -23.22
CA ILE A 114 -25.84 4.91 -21.92
C ILE A 114 -26.72 6.15 -21.73
N PRO A 115 -28.03 5.98 -21.46
CA PRO A 115 -28.88 7.16 -21.18
C PRO A 115 -28.34 8.08 -20.08
N GLN A 116 -28.60 9.38 -20.23
CA GLN A 116 -28.09 10.41 -19.35
C GLN A 116 -28.23 10.11 -17.88
N ALA A 117 -29.42 9.71 -17.45
CA ALA A 117 -29.70 9.45 -16.03
C ALA A 117 -28.94 8.27 -15.44
N LEU A 118 -28.45 7.39 -16.32
CA LEU A 118 -27.71 6.22 -15.89
C LEU A 118 -26.20 6.40 -15.97
N GLN A 119 -25.71 7.49 -16.58
CA GLN A 119 -24.29 7.63 -16.83
C GLN A 119 -23.42 7.58 -15.57
N VAL A 120 -23.77 8.41 -14.59
CA VAL A 120 -22.97 8.45 -13.39
C VAL A 120 -22.97 7.10 -12.67
N PRO A 121 -24.15 6.55 -12.38
CA PRO A 121 -24.15 5.26 -11.71
C PRO A 121 -23.56 4.12 -12.49
N PHE A 122 -23.63 4.19 -13.81
CA PHE A 122 -23.04 3.16 -14.66
C PHE A 122 -21.53 3.18 -14.53
N ILE A 123 -20.92 4.36 -14.58
CA ILE A 123 -19.50 4.45 -14.44
C ILE A 123 -19.06 3.97 -13.04
N ALA A 124 -19.80 4.34 -12.01
CA ALA A 124 -19.46 3.90 -10.65
C ALA A 124 -19.49 2.38 -10.53
N TYR A 125 -20.49 1.77 -11.12
CA TYR A 125 -20.64 0.31 -11.15
C TYR A 125 -19.52 -0.35 -11.95
N LEU A 126 -19.24 0.19 -13.13
CA LEU A 126 -18.12 -0.28 -13.92
C LEU A 126 -16.83 -0.23 -13.13
N GLN A 127 -16.54 0.91 -12.52
CA GLN A 127 -15.32 1.05 -11.76
C GLN A 127 -15.24 0.02 -10.63
N ARG A 128 -16.35 -0.24 -9.94
CA ARG A 128 -16.34 -1.19 -8.83
C ARG A 128 -16.12 -2.62 -9.36
N CYS A 129 -16.66 -2.93 -10.53
CA CYS A 129 -16.40 -4.22 -11.20
C CYS A 129 -14.91 -4.34 -11.60
N ILE A 130 -14.33 -3.26 -12.08
CA ILE A 130 -12.91 -3.24 -12.36
CA ILE A 130 -12.91 -3.24 -12.36
C ILE A 130 -12.11 -3.42 -11.05
N ASP A 131 -12.61 -2.85 -9.96
CA ASP A 131 -11.95 -2.99 -8.66
C ASP A 131 -11.86 -4.46 -8.26
N ALA A 132 -12.85 -5.25 -8.67
CA ALA A 132 -12.83 -6.70 -8.43
C ALA A 132 -11.65 -7.34 -9.16
N VAL A 133 -11.38 -6.89 -10.40
CA VAL A 133 -10.23 -7.34 -11.18
C VAL A 133 -8.96 -6.92 -10.45
N GLY A 134 -8.97 -5.71 -9.90
CA GLY A 134 -7.84 -5.22 -9.14
C GLY A 134 -7.57 -6.08 -7.91
N LEU A 135 -8.61 -6.59 -7.25
CA LEU A 135 -8.40 -7.49 -6.12
C LEU A 135 -7.71 -8.77 -6.59
N ALA A 136 -8.15 -9.29 -7.73
CA ALA A 136 -7.51 -10.48 -8.26
C ALA A 136 -6.00 -10.22 -8.52
N GLN A 137 -5.70 -9.10 -9.13
CA GLN A 137 -4.33 -8.69 -9.38
C GLN A 137 -3.57 -8.58 -8.05
N GLN A 138 -4.22 -8.05 -7.03
CA GLN A 138 -3.60 -7.89 -5.72
C GLN A 138 -3.31 -9.26 -5.10
N VAL A 139 -4.25 -10.22 -5.14
CA VAL A 139 -4.00 -11.51 -4.53
C VAL A 139 -2.87 -12.29 -5.25
N ILE A 140 -2.78 -12.16 -6.57
CA ILE A 140 -1.78 -12.88 -7.37
C ILE A 140 -0.37 -12.37 -7.01
N ASN A 141 -0.29 -11.08 -6.73
CA ASN A 141 0.99 -10.49 -6.33
C ASN A 141 1.36 -10.81 -4.90
N GLU A 142 0.37 -10.83 -4.02
CA GLU A 142 0.59 -11.15 -2.61
C GLU A 142 1.05 -12.60 -2.48
N LEU A 143 0.77 -13.41 -3.50
CA LEU A 143 1.10 -14.83 -3.50
C LEU A 143 2.59 -15.15 -3.41
N ASP A 144 3.47 -14.36 -4.02
CA ASP A 144 4.91 -14.67 -3.84
C ASP A 144 5.32 -14.60 -2.35
N ASP A 145 4.64 -13.77 -1.55
CA ASP A 145 4.90 -13.74 -0.11
C ASP A 145 4.70 -15.14 0.49
N LEU A 146 3.60 -15.80 0.16
CA LEU A 146 3.34 -17.16 0.64
C LEU A 146 4.33 -18.16 0.07
N LEU A 147 4.63 -18.04 -1.21
CA LEU A 147 5.53 -18.95 -1.86
C LEU A 147 6.96 -18.74 -1.31
N GLU A 148 7.38 -17.49 -1.19
CA GLU A 148 8.72 -17.14 -0.68
C GLU A 148 8.91 -17.48 0.81
N ALA A 149 8.05 -16.97 1.68
CA ALA A 149 8.10 -17.38 3.08
C ALA A 149 7.42 -18.75 3.04
N GLY A 150 8.20 -19.81 2.72
CA GLY A 150 7.69 -21.18 2.60
C GLY A 150 7.22 -21.69 3.95
N PHE A 151 6.32 -20.93 4.54
CA PHE A 151 5.83 -21.09 5.89
C PHE A 151 4.36 -21.53 5.87
N ARG A 152 4.07 -22.59 6.64
CA ARG A 152 2.72 -23.13 6.75
C ARG A 152 2.02 -22.44 7.93
N GLY A 153 0.70 -22.28 7.88
CA GLY A 153 -0.02 -21.60 8.96
C GLY A 153 -0.18 -20.12 8.71
N ARG A 154 -0.01 -19.77 7.44
CA ARG A 154 -0.20 -18.43 6.89
C ARG A 154 -1.22 -18.43 5.74
N GLU A 155 -1.37 -19.58 5.11
CA GLU A 155 -2.29 -19.82 4.01
C GLU A 155 -3.75 -19.50 4.41
N VAL A 156 -4.13 -19.84 5.63
CA VAL A 156 -5.49 -19.60 6.11
C VAL A 156 -5.79 -18.11 6.29
N ASP A 157 -4.83 -17.38 6.89
CA ASP A 157 -4.98 -15.94 7.06
C ASP A 157 -5.10 -15.25 5.70
N PHE A 158 -4.35 -15.72 4.69
CA PHE A 158 -4.39 -15.19 3.32
C PHE A 158 -5.78 -15.34 2.70
N VAL A 159 -6.34 -16.53 2.82
CA VAL A 159 -7.67 -16.80 2.28
C VAL A 159 -8.72 -16.01 3.06
N ALA A 160 -8.59 -15.95 4.38
CA ALA A 160 -9.50 -15.17 5.21
C ALA A 160 -9.56 -13.73 4.68
N LYS A 161 -8.38 -13.15 4.45
CA LYS A 161 -8.25 -11.77 3.98
C LYS A 161 -8.88 -11.59 2.62
N MSE A 162 -8.60 -12.54 1.72
N MSE A 162 -8.60 -12.53 1.72
CA MSE A 162 -9.13 -12.52 0.37
CA MSE A 162 -9.16 -12.50 0.37
C MSE A 162 -10.66 -12.54 0.40
C MSE A 162 -10.68 -12.51 0.43
O MSE A 162 -11.32 -11.81 -0.34
O MSE A 162 -11.35 -11.76 -0.28
CB MSE A 162 -8.56 -13.72 -0.41
CB MSE A 162 -8.70 -13.71 -0.43
CG MSE A 162 -8.73 -13.63 -1.91
CG MSE A 162 -9.00 -13.58 -1.90
SE MSE A 162 -7.58 -14.99 -2.80
SE MSE A 162 -8.76 -15.28 -2.83
CE MSE A 162 -8.31 -16.59 -1.89
CE MSE A 162 -7.24 -16.07 -1.73
N ILE A 163 -11.22 -13.38 1.28
CA ILE A 163 -12.67 -13.47 1.45
C ILE A 163 -13.23 -12.15 1.98
N ASN A 164 -12.59 -11.57 2.98
CA ASN A 164 -13.06 -10.31 3.57
C ASN A 164 -13.10 -9.18 2.52
N GLU A 165 -12.05 -9.12 1.71
CA GLU A 165 -11.92 -8.11 0.68
C GLU A 165 -12.96 -8.25 -0.39
N LEU A 166 -13.15 -9.47 -0.84
CA LEU A 166 -14.14 -9.72 -1.84
C LEU A 166 -15.54 -9.42 -1.32
N ASP A 167 -15.86 -9.84 -0.09
CA ASP A 167 -17.19 -9.56 0.49
C ASP A 167 -17.54 -8.09 0.41
N ILE A 168 -16.56 -7.25 0.71
CA ILE A 168 -16.71 -5.80 0.64
C ILE A 168 -17.00 -5.33 -0.78
N ILE A 169 -16.22 -5.79 -1.74
CA ILE A 169 -16.45 -5.38 -3.12
C ILE A 169 -17.82 -5.88 -3.61
N GLU A 170 -18.14 -7.15 -3.33
CA GLU A 170 -19.41 -7.75 -3.74
C GLU A 170 -20.61 -7.03 -3.21
N GLU A 171 -20.54 -6.59 -1.97
CA GLU A 171 -21.64 -5.90 -1.40
C GLU A 171 -21.86 -4.56 -2.13
N ASP A 172 -20.78 -3.83 -2.38
CA ASP A 172 -20.87 -2.57 -3.11
C ASP A 172 -21.37 -2.79 -4.54
N THR A 173 -20.85 -3.79 -5.24
CA THR A 173 -21.27 -4.03 -6.62
C THR A 173 -22.70 -4.47 -6.67
N ASP A 174 -23.11 -5.31 -5.75
CA ASP A 174 -24.51 -5.74 -5.70
C ASP A 174 -25.46 -4.54 -5.50
N ASP A 175 -25.14 -3.63 -4.59
CA ASP A 175 -25.96 -2.46 -4.40
C ASP A 175 -26.00 -1.58 -5.65
N LEU A 176 -24.85 -1.36 -6.27
CA LEU A 176 -24.78 -0.50 -7.43
C LEU A 176 -25.53 -1.10 -8.60
N GLN A 177 -25.50 -2.42 -8.72
CA GLN A 177 -26.17 -3.13 -9.79
C GLN A 177 -27.67 -3.02 -9.65
N ILE A 178 -28.16 -3.16 -8.42
CA ILE A 178 -29.57 -3.02 -8.15
C ILE A 178 -30.05 -1.60 -8.47
N GLN A 179 -29.31 -0.59 -8.01
CA GLN A 179 -29.63 0.80 -8.22
C GLN A 179 -29.70 1.08 -9.72
N LEU A 180 -28.73 0.57 -10.45
CA LEU A 180 -28.64 0.80 -11.87
C LEU A 180 -29.81 0.16 -12.63
N ARG A 181 -30.11 -1.08 -12.32
CA ARG A 181 -31.23 -1.77 -12.97
C ARG A 181 -32.57 -1.14 -12.60
N ARG A 182 -32.69 -0.68 -11.37
CA ARG A 182 -33.88 -0.01 -10.94
C ARG A 182 -34.07 1.26 -11.80
N GLN A 183 -33.00 2.02 -11.98
CA GLN A 183 -33.05 3.24 -12.76
C GLN A 183 -33.38 2.98 -14.22
N LEU A 184 -32.82 1.91 -14.77
CA LEU A 184 -33.10 1.53 -16.14
C LEU A 184 -34.60 1.14 -16.27
N PHE A 185 -35.11 0.39 -15.30
CA PHE A 185 -36.49 -0.07 -15.31
C PHE A 185 -37.47 1.12 -15.36
N ALA A 186 -37.16 2.16 -14.60
CA ALA A 186 -37.97 3.36 -14.57
C ALA A 186 -37.95 4.10 -15.90
N LEU A 187 -36.90 3.89 -16.67
CA LEU A 187 -36.69 4.58 -17.93
C LEU A 187 -37.09 3.80 -19.16
N GLU A 188 -37.37 2.51 -19.04
CA GLU A 188 -37.66 1.66 -20.21
C GLU A 188 -38.70 2.19 -21.17
N SER A 189 -39.77 2.74 -20.63
CA SER A 189 -40.88 3.28 -21.39
C SER A 189 -40.45 4.37 -22.38
N GLU A 190 -39.31 4.99 -22.13
CA GLU A 190 -38.79 6.06 -22.98
C GLU A 190 -37.87 5.57 -24.07
N LEU A 191 -37.59 4.28 -24.07
CA LEU A 191 -36.56 3.76 -24.96
C LEU A 191 -37.05 2.71 -25.92
N ASN A 192 -36.24 2.44 -26.93
CA ASN A 192 -36.52 1.34 -27.88
C ASN A 192 -36.24 0.03 -27.17
N PRO A 193 -37.12 -0.99 -27.34
CA PRO A 193 -36.93 -2.22 -26.56
C PRO A 193 -35.63 -2.95 -26.80
N VAL A 194 -35.12 -2.94 -28.04
CA VAL A 194 -33.85 -3.59 -28.33
C VAL A 194 -32.75 -2.88 -27.57
N ASP A 195 -32.77 -1.57 -27.60
CA ASP A 195 -31.78 -0.80 -26.85
C ASP A 195 -31.87 -1.13 -25.36
N VAL A 196 -33.07 -1.27 -24.80
CA VAL A 196 -33.25 -1.61 -23.38
C VAL A 196 -32.58 -2.96 -23.07
N MSE A 197 -32.84 -3.96 -23.89
CA MSE A 197 -32.28 -5.27 -23.70
C MSE A 197 -30.73 -5.21 -23.78
O MSE A 197 -30.05 -5.89 -22.99
CB MSE A 197 -32.86 -6.24 -24.73
CG MSE A 197 -34.36 -6.52 -24.57
SE MSE A 197 -34.91 -6.85 -22.68
CE MSE A 197 -33.77 -8.35 -22.19
N PHE A 198 -30.18 -4.43 -24.70
CA PHE A 198 -28.74 -4.28 -24.76
C PHE A 198 -28.14 -3.52 -23.59
N LEU A 199 -28.90 -2.63 -22.99
CA LEU A 199 -28.46 -1.99 -21.75
C LEU A 199 -28.39 -3.01 -20.63
N TYR A 200 -29.42 -3.84 -20.46
CA TYR A 200 -29.34 -4.89 -19.45
C TYR A 200 -28.18 -5.84 -19.73
N LYS A 201 -27.96 -6.15 -21.00
CA LYS A 201 -26.87 -7.05 -21.37
C LYS A 201 -25.50 -6.43 -21.02
N THR A 202 -25.36 -5.15 -21.26
CA THR A 202 -24.10 -4.42 -20.94
C THR A 202 -23.84 -4.45 -19.45
N ILE A 203 -24.85 -4.23 -18.63
CA ILE A 203 -24.73 -4.30 -17.18
C ILE A 203 -24.30 -5.73 -16.76
N GLU A 204 -24.91 -6.73 -17.38
CA GLU A 204 -24.59 -8.12 -17.11
C GLU A 204 -23.13 -8.43 -17.47
N TRP A 205 -22.71 -8.02 -18.66
CA TRP A 205 -21.36 -8.23 -19.14
C TRP A 205 -20.32 -7.59 -18.22
N VAL A 206 -20.60 -6.39 -17.75
CA VAL A 206 -19.72 -5.68 -16.83
C VAL A 206 -19.62 -6.43 -15.50
N GLY A 207 -20.75 -6.86 -14.99
CA GLY A 207 -20.81 -7.75 -13.84
C GLY A 207 -19.95 -8.98 -13.99
N GLY A 208 -19.94 -9.54 -15.19
CA GLY A 208 -19.11 -10.69 -15.57
C GLY A 208 -17.64 -10.49 -15.31
N LEU A 209 -17.12 -9.26 -15.47
CA LEU A 209 -15.73 -8.99 -15.17
C LEU A 209 -15.44 -9.33 -13.70
N ALA A 210 -16.33 -8.97 -12.79
CA ALA A 210 -16.16 -9.29 -11.37
C ALA A 210 -16.30 -10.80 -11.13
N ASP A 211 -17.23 -11.44 -11.81
CA ASP A 211 -17.41 -12.88 -11.70
C ASP A 211 -16.14 -13.63 -12.13
N LEU A 212 -15.53 -13.22 -13.23
CA LEU A 212 -14.29 -13.82 -13.70
C LEU A 212 -13.15 -13.60 -12.70
N ALA A 213 -13.07 -12.41 -12.16
CA ALA A 213 -12.08 -12.06 -11.15
C ALA A 213 -12.19 -12.95 -9.91
N GLU A 214 -13.42 -13.26 -9.53
CA GLU A 214 -13.67 -14.14 -8.39
C GLU A 214 -13.11 -15.53 -8.69
N ARG A 215 -13.29 -16.01 -9.92
CA ARG A 215 -12.80 -17.33 -10.33
C ARG A 215 -11.25 -17.40 -10.28
N VAL A 216 -10.59 -16.27 -10.56
CA VAL A 216 -9.17 -16.19 -10.40
C VAL A 216 -8.77 -16.48 -8.96
N GLY A 217 -9.42 -15.80 -8.03
CA GLY A 217 -9.15 -16.00 -6.60
C GLY A 217 -9.46 -17.44 -6.15
N SER A 218 -10.52 -18.04 -6.71
CA SER A 218 -10.86 -19.42 -6.42
C SER A 218 -9.76 -20.38 -6.82
N ARG A 219 -9.16 -20.14 -7.99
CA ARG A 219 -8.06 -21.00 -8.43
C ARG A 219 -6.87 -20.87 -7.52
N LEU A 220 -6.57 -19.64 -7.06
CA LEU A 220 -5.47 -19.47 -6.10
C LEU A 220 -5.76 -20.18 -4.81
N GLU A 221 -7.01 -20.13 -4.36
CA GLU A 221 -7.39 -20.84 -3.15
C GLU A 221 -7.20 -22.35 -3.31
N LEU A 222 -7.57 -22.91 -4.47
CA LEU A 222 -7.37 -24.33 -4.73
C LEU A 222 -5.88 -24.72 -4.70
N MSE A 223 -5.05 -23.86 -5.28
CA MSE A 223 -3.59 -24.11 -5.24
C MSE A 223 -3.10 -24.16 -3.82
O MSE A 223 -2.32 -25.03 -3.46
CB MSE A 223 -2.81 -23.02 -5.96
CG MSE A 223 -3.05 -23.02 -7.40
SE MSE A 223 -2.33 -21.47 -8.36
CE MSE A 223 -0.70 -21.68 -7.96
N LEU A 224 -3.55 -23.23 -3.01
CA LEU A 224 -3.15 -23.22 -1.61
C LEU A 224 -3.65 -24.45 -0.88
N ALA A 225 -4.80 -24.99 -1.27
CA ALA A 225 -5.35 -26.15 -0.59
C ALA A 225 -4.63 -27.45 -0.91
N ARG A 226 -3.82 -27.45 -1.96
CA ARG A 226 -3.08 -28.67 -2.32
C ARG A 226 -1.86 -28.89 -1.46
N VAL A 227 -1.33 -27.79 -0.93
CA VAL A 227 -0.11 -27.81 -0.13
C VAL A 227 -0.27 -28.45 1.26
N PRO B 15 11.65 -1.67 5.23
CA PRO B 15 12.76 -0.86 5.81
C PRO B 15 13.59 -1.66 6.77
N ILE B 16 12.93 -2.59 7.45
CA ILE B 16 13.57 -3.49 8.38
C ILE B 16 14.28 -4.65 7.66
N LYS B 17 13.95 -4.89 6.40
CA LYS B 17 14.47 -6.07 5.69
C LYS B 17 15.98 -6.17 5.64
N PRO B 18 16.68 -5.08 5.24
CA PRO B 18 18.15 -5.13 5.25
C PRO B 18 18.74 -5.40 6.63
N LEU B 19 18.08 -4.93 7.69
CA LEU B 19 18.54 -5.18 9.06
C LEU B 19 18.35 -6.61 9.44
N GLN B 20 17.26 -7.19 8.95
CA GLN B 20 16.99 -8.60 9.18
C GLN B 20 18.05 -9.46 8.48
N GLU B 21 18.41 -9.08 7.26
CA GLU B 21 19.41 -9.81 6.51
C GLU B 21 20.74 -9.74 7.26
N HIS B 22 21.09 -8.55 7.75
CA HIS B 22 22.31 -8.41 8.51
C HIS B 22 22.27 -9.25 9.82
N MSE B 23 21.18 -9.17 10.56
CA MSE B 23 21.04 -9.97 11.80
C MSE B 23 21.20 -11.48 11.47
O MSE B 23 21.88 -12.22 12.16
CB MSE B 23 19.67 -9.72 12.41
CG MSE B 23 19.39 -10.37 13.77
SE MSE B 23 20.62 -9.81 15.16
CE MSE B 23 21.42 -11.33 15.19
N ASP B 24 20.61 -11.92 10.38
CA ASP B 24 20.73 -13.33 9.99
C ASP B 24 22.19 -13.72 9.80
N LYS B 25 22.96 -12.86 9.13
CA LYS B 25 24.37 -13.10 8.90
C LYS B 25 25.16 -13.11 10.21
N VAL B 26 24.82 -12.18 11.10
CA VAL B 26 25.43 -12.09 12.40
C VAL B 26 25.18 -13.34 13.24
N TYR B 27 23.95 -13.84 13.22
CA TYR B 27 23.60 -15.09 13.90
C TYR B 27 24.39 -16.26 13.34
N ASP B 28 24.45 -16.36 12.02
CA ASP B 28 25.23 -17.43 11.39
C ASP B 28 26.69 -17.37 11.83
N CYS B 29 27.23 -16.16 11.94
CA CYS B 29 28.61 -15.97 12.35
C CYS B 29 28.85 -16.44 13.76
N ALA B 30 28.02 -15.98 14.70
CA ALA B 30 28.11 -16.39 16.08
C ALA B 30 27.87 -17.87 16.31
N SER B 31 26.93 -18.43 15.56
CA SER B 31 26.58 -19.86 15.67
C SER B 31 27.73 -20.78 15.41
N LEU B 32 28.64 -20.36 14.52
CA LEU B 32 29.79 -21.17 14.14
C LEU B 32 30.74 -21.35 15.31
N LEU B 33 30.57 -20.57 16.38
CA LEU B 33 31.39 -20.78 17.54
C LEU B 33 31.17 -22.15 18.18
N VAL B 34 29.98 -22.71 18.05
CA VAL B 34 29.78 -24.04 18.61
C VAL B 34 30.67 -25.09 17.90
N PRO B 35 30.53 -25.27 16.60
CA PRO B 35 31.41 -26.26 15.97
C PRO B 35 32.89 -25.87 16.04
N PHE B 36 33.17 -24.57 16.11
CA PHE B 36 34.56 -24.11 16.31
C PHE B 36 35.12 -24.68 17.61
N PHE B 37 34.41 -24.46 18.71
CA PHE B 37 34.85 -24.96 19.99
C PHE B 37 34.86 -26.46 20.07
N GLU B 38 33.88 -27.11 19.45
CA GLU B 38 33.83 -28.59 19.38
C GLU B 38 35.07 -29.17 18.67
N ALA B 39 35.54 -28.48 17.64
CA ALA B 39 36.74 -28.89 16.94
C ALA B 39 37.92 -28.81 17.90
N THR B 40 38.06 -27.68 18.61
CA THR B 40 39.21 -27.53 19.51
C THR B 40 39.16 -28.63 20.56
N ILE B 41 37.97 -28.95 21.03
CA ILE B 41 37.82 -29.91 22.09
C ILE B 41 38.20 -31.33 21.67
N THR B 42 38.07 -31.65 20.40
CA THR B 42 38.50 -32.95 19.88
C THR B 42 39.92 -32.89 19.33
N GLY B 43 40.63 -31.80 19.62
CA GLY B 43 42.02 -31.64 19.19
C GLY B 43 42.22 -31.40 17.70
N ASN B 44 41.15 -31.02 17.00
CA ASN B 44 41.20 -30.77 15.56
C ASN B 44 41.53 -29.30 15.25
N TRP B 45 42.79 -28.92 15.51
CA TRP B 45 43.21 -27.53 15.35
C TRP B 45 43.22 -27.11 13.90
N ASP B 46 43.49 -28.02 12.98
CA ASP B 46 43.43 -27.66 11.56
C ASP B 46 42.00 -27.31 11.17
N ASP B 47 41.04 -28.10 11.65
CA ASP B 47 39.63 -27.81 11.36
C ASP B 47 39.14 -26.54 12.10
N ALA B 48 39.61 -26.33 13.33
CA ALA B 48 39.20 -25.14 14.04
C ALA B 48 39.68 -23.88 13.26
N VAL B 49 40.87 -23.97 12.65
CA VAL B 49 41.37 -22.87 11.83
C VAL B 49 40.45 -22.69 10.61
N GLN B 50 40.03 -23.79 9.99
CA GLN B 50 39.11 -23.67 8.88
C GLN B 50 37.75 -23.06 9.31
N ILE B 51 37.24 -23.45 10.45
CA ILE B 51 35.97 -22.91 10.94
C ILE B 51 36.12 -21.43 11.28
N ARG B 52 37.23 -21.05 11.87
CA ARG B 52 37.50 -19.67 12.09
C ARG B 52 37.52 -18.87 10.77
N LYS B 53 37.91 -19.51 9.68
CA LYS B 53 37.91 -18.85 8.37
C LYS B 53 36.45 -18.60 7.96
N GLN B 54 35.56 -19.54 8.24
CA GLN B 54 34.13 -19.34 7.95
C GLN B 54 33.58 -18.20 8.86
N ILE B 55 33.98 -18.20 10.11
CA ILE B 55 33.54 -17.13 11.01
C ILE B 55 33.99 -15.77 10.44
N SER B 56 35.24 -15.66 10.04
CA SER B 56 35.76 -14.42 9.47
C SER B 56 35.04 -13.98 8.22
N LEU B 57 34.68 -14.96 7.41
CA LEU B 57 33.97 -14.69 6.19
C LEU B 57 32.58 -14.15 6.46
N ALA B 58 31.87 -14.78 7.39
CA ALA B 58 30.55 -14.30 7.75
C ALA B 58 30.64 -12.88 8.27
N GLU B 59 31.67 -12.60 9.09
CA GLU B 59 31.86 -11.25 9.63
C GLU B 59 32.11 -10.26 8.50
N LYS B 60 32.92 -10.67 7.53
CA LYS B 60 33.24 -9.82 6.40
C LYS B 60 31.99 -9.54 5.56
N GLN B 61 31.19 -10.57 5.34
CA GLN B 61 29.93 -10.40 4.59
C GLN B 61 29.00 -9.46 5.38
N GLY B 62 28.90 -9.67 6.68
CA GLY B 62 28.09 -8.82 7.53
C GLY B 62 28.55 -7.39 7.40
N ASP B 63 29.85 -7.16 7.50
CA ASP B 63 30.40 -5.83 7.39
C ASP B 63 30.00 -5.16 6.04
N SER B 64 29.94 -5.95 4.96
CA SER B 64 29.55 -5.41 3.68
C SER B 64 28.12 -4.96 3.67
N LEU B 65 27.24 -5.79 4.22
CA LEU B 65 25.84 -5.46 4.32
C LEU B 65 25.71 -4.19 5.16
N LYS B 66 26.51 -4.10 6.23
CA LYS B 66 26.53 -2.93 7.11
C LYS B 66 26.91 -1.67 6.36
N ARG B 67 27.98 -1.78 5.55
CA ARG B 67 28.45 -0.65 4.78
C ARG B 67 27.35 -0.17 3.85
N GLU B 68 26.71 -1.10 3.13
CA GLU B 68 25.66 -0.71 2.18
C GLU B 68 24.50 -0.02 2.88
N ILE B 69 24.07 -0.55 4.03
CA ILE B 69 22.99 0.10 4.76
C ILE B 69 23.39 1.50 5.19
N ARG B 70 24.61 1.67 5.69
CA ARG B 70 25.08 2.98 6.15
C ARG B 70 25.15 4.03 5.05
N LEU B 71 25.45 3.57 3.84
CA LEU B 71 25.56 4.46 2.71
C LEU B 71 24.24 4.63 1.95
N THR B 72 23.19 3.93 2.40
CA THR B 72 21.87 3.99 1.77
C THR B 72 20.80 4.68 2.64
N LEU B 73 20.65 4.19 3.86
CA LEU B 73 19.67 4.67 4.83
C LEU B 73 19.50 6.19 4.66
N PRO B 74 20.59 6.99 4.88
CA PRO B 74 20.50 8.46 4.68
C PRO B 74 19.63 8.87 3.49
N SER B 75 19.82 8.19 2.35
CA SER B 75 18.97 8.42 1.16
C SER B 75 17.48 8.14 1.12
N GLY B 76 17.00 7.67 2.28
CA GLY B 76 15.61 7.28 2.54
C GLY B 76 14.63 8.44 2.62
N LEU B 77 13.43 8.25 2.08
CA LEU B 77 12.41 9.30 2.06
C LEU B 77 11.41 9.09 3.20
N PHE B 78 10.15 8.81 2.87
CA PHE B 78 9.12 8.58 3.87
C PHE B 78 9.51 7.24 4.49
N MSE B 79 9.42 7.10 5.81
CA MSE B 79 9.86 5.87 6.45
C MSE B 79 9.20 5.72 7.81
O MSE B 79 9.12 6.69 8.55
CB MSE B 79 11.38 5.94 6.59
CG MSE B 79 12.02 4.66 6.17
SE MSE B 79 13.86 4.60 6.57
CE MSE B 79 14.50 6.03 5.43
N PRO B 80 8.74 4.50 8.17
CA PRO B 80 7.99 4.25 9.41
C PRO B 80 8.80 4.13 10.68
N VAL B 81 10.13 4.16 10.57
CA VAL B 81 11.03 4.12 11.72
C VAL B 81 12.12 5.18 11.51
N GLU B 82 12.79 5.57 12.60
CA GLU B 82 13.88 6.54 12.51
C GLU B 82 15.11 5.92 11.91
N ARG B 83 15.71 6.64 10.95
CA ARG B 83 16.99 6.26 10.36
C ARG B 83 18.01 6.02 11.46
N THR B 84 18.04 6.90 12.45
CA THR B 84 19.01 6.76 13.53
C THR B 84 18.81 5.49 14.35
N ASP B 85 17.57 5.06 14.55
CA ASP B 85 17.32 3.84 15.30
C ASP B 85 17.82 2.64 14.54
N LEU B 86 17.66 2.64 13.22
CA LEU B 86 18.17 1.58 12.40
C LEU B 86 19.70 1.52 12.43
N LEU B 87 20.36 2.70 12.42
CA LEU B 87 21.81 2.72 12.50
C LEU B 87 22.26 2.19 13.84
N GLU B 88 21.59 2.59 14.92
CA GLU B 88 21.97 2.14 16.28
C GLU B 88 21.76 0.64 16.41
N LEU B 89 20.69 0.15 15.82
CA LEU B 89 20.44 -1.27 15.80
C LEU B 89 21.57 -2.03 15.05
N LEU B 90 21.93 -1.53 13.88
CA LEU B 90 22.99 -2.08 13.08
C LEU B 90 24.31 -2.15 13.82
N THR B 91 24.62 -1.09 14.57
CA THR B 91 25.85 -1.05 15.35
C THR B 91 25.86 -2.16 16.39
N GLN B 92 24.73 -2.40 17.05
CA GLN B 92 24.69 -3.42 18.07
C GLN B 92 24.77 -4.80 17.47
N GLN B 93 24.06 -5.01 16.39
CA GLN B 93 24.12 -6.29 15.70
C GLN B 93 25.53 -6.61 15.25
N ASP B 94 26.21 -5.65 14.65
CA ASP B 94 27.55 -5.86 14.15
C ASP B 94 28.53 -6.33 15.22
N LYS B 95 28.38 -5.79 16.43
CA LYS B 95 29.26 -6.15 17.56
C LYS B 95 29.23 -7.65 17.83
N ILE B 96 28.10 -8.29 17.62
CA ILE B 96 28.00 -9.73 17.85
C ILE B 96 28.94 -10.53 16.93
N ALA B 97 28.94 -10.23 15.66
CA ALA B 97 29.84 -10.92 14.71
C ALA B 97 31.30 -10.63 15.05
N ASN B 98 31.59 -9.37 15.35
CA ASN B 98 32.93 -9.02 15.74
C ASN B 98 33.41 -9.74 16.98
N LYS B 99 32.49 -9.95 17.93
CA LYS B 99 32.78 -10.67 19.17
C LYS B 99 33.11 -12.14 18.85
N ALA B 100 32.32 -12.77 17.99
CA ALA B 100 32.58 -14.14 17.59
C ALA B 100 33.93 -14.26 16.89
N LYS B 101 34.25 -13.34 16.01
CA LYS B 101 35.54 -13.35 15.33
C LYS B 101 36.69 -13.19 16.33
N ASP B 102 36.57 -12.23 17.23
CA ASP B 102 37.59 -12.01 18.26
C ASP B 102 37.85 -13.18 19.18
N ILE B 103 36.77 -13.78 19.71
CA ILE B 103 36.87 -14.94 20.57
C ILE B 103 37.60 -16.05 19.86
N SER B 104 37.17 -16.39 18.66
CA SER B 104 37.78 -17.48 17.91
C SER B 104 39.25 -17.21 17.63
N GLY B 105 39.61 -15.97 17.34
CA GLY B 105 40.99 -15.65 17.11
C GLY B 105 41.86 -15.82 18.34
N ARG B 106 41.36 -15.44 19.51
CA ARG B 106 42.14 -15.61 20.73
C ARG B 106 42.36 -17.10 21.02
N VAL B 107 41.32 -17.89 20.76
CA VAL B 107 41.41 -19.31 21.03
C VAL B 107 42.43 -19.98 20.10
N ILE B 108 42.41 -19.66 18.81
CA ILE B 108 43.44 -20.16 17.92
C ILE B 108 44.80 -19.69 18.37
N GLY B 109 44.92 -18.43 18.74
CA GLY B 109 46.19 -17.84 19.11
C GLY B 109 46.87 -18.49 20.31
N ARG B 110 46.08 -18.90 21.29
CA ARG B 110 46.63 -19.52 22.48
C ARG B 110 46.48 -21.05 22.41
N GLN B 111 45.91 -21.55 21.32
CA GLN B 111 45.49 -22.95 21.24
C GLN B 111 44.83 -23.31 22.58
N LEU B 112 43.85 -22.51 22.96
CA LEU B 112 43.25 -22.64 24.27
C LEU B 112 42.45 -23.92 24.36
N LEU B 113 42.85 -24.75 25.32
CA LEU B 113 42.18 -26.02 25.64
C LEU B 113 41.22 -25.92 26.81
N ILE B 114 39.95 -26.22 26.61
CA ILE B 114 39.02 -26.26 27.74
C ILE B 114 39.28 -27.58 28.50
N PRO B 115 39.55 -27.51 29.81
CA PRO B 115 39.78 -28.75 30.54
C PRO B 115 38.64 -29.75 30.40
N GLN B 116 38.99 -31.02 30.32
CA GLN B 116 38.02 -32.11 30.11
C GLN B 116 36.70 -31.98 30.86
N ALA B 117 36.80 -31.75 32.16
CA ALA B 117 35.62 -31.69 33.00
C ALA B 117 34.71 -30.48 32.73
N LEU B 118 35.24 -29.45 32.06
CA LEU B 118 34.42 -28.30 31.71
C LEU B 118 33.82 -28.36 30.32
N GLN B 119 34.26 -29.32 29.53
CA GLN B 119 33.90 -29.36 28.13
C GLN B 119 32.41 -29.40 27.85
N VAL B 120 31.71 -30.34 28.44
CA VAL B 120 30.27 -30.48 28.22
C VAL B 120 29.51 -29.24 28.71
N PRO B 121 29.71 -28.84 29.97
CA PRO B 121 28.98 -27.65 30.42
C PRO B 121 29.38 -26.36 29.67
N PHE B 122 30.62 -26.27 29.20
CA PHE B 122 31.04 -25.10 28.44
C PHE B 122 30.24 -25.00 27.13
N ILE B 123 30.14 -26.11 26.43
CA ILE B 123 29.41 -26.12 25.18
C ILE B 123 27.93 -25.79 25.43
N ALA B 124 27.33 -26.34 26.50
CA ALA B 124 25.93 -26.04 26.83
C ALA B 124 25.72 -24.55 27.10
N TYR B 125 26.65 -23.95 27.83
CA TYR B 125 26.66 -22.52 28.12
C TYR B 125 26.82 -21.69 26.86
N LEU B 126 27.79 -22.06 26.01
CA LEU B 126 27.99 -21.35 24.74
C LEU B 126 26.70 -21.40 23.92
N GLN B 127 26.14 -22.60 23.76
CA GLN B 127 24.91 -22.73 23.00
C GLN B 127 23.80 -21.86 23.56
N ARG B 128 23.69 -21.76 24.89
CA ARG B 128 22.61 -20.95 25.46
C ARG B 128 22.82 -19.48 25.20
N CYS B 129 24.08 -19.05 25.18
CA CYS B 129 24.41 -17.66 24.84
C CYS B 129 24.10 -17.40 23.36
N ILE B 130 24.37 -18.38 22.52
CA ILE B 130 23.99 -18.26 21.13
C ILE B 130 22.47 -18.16 21.04
N ASP B 131 21.77 -18.93 21.86
CA ASP B 131 20.32 -18.89 21.85
C ASP B 131 19.79 -17.48 22.09
N ALA B 132 20.52 -16.71 22.90
CA ALA B 132 20.16 -15.34 23.14
C ALA B 132 20.24 -14.52 21.83
N VAL B 133 21.30 -14.77 21.04
CA VAL B 133 21.44 -14.14 19.72
C VAL B 133 20.26 -14.58 18.88
N GLY B 134 19.90 -15.87 18.95
CA GLY B 134 18.74 -16.38 18.24
C GLY B 134 17.47 -15.66 18.60
N LEU B 135 17.26 -15.32 19.87
CA LEU B 135 16.06 -14.58 20.24
C LEU B 135 16.07 -13.20 19.57
N ALA B 136 17.22 -12.55 19.54
CA ALA B 136 17.33 -11.26 18.90
C ALA B 136 16.95 -11.41 17.43
N GLN B 137 17.47 -12.44 16.79
CA GLN B 137 17.15 -12.67 15.38
C GLN B 137 15.63 -12.86 15.19
N GLN B 138 15.04 -13.60 16.12
CA GLN B 138 13.62 -13.88 16.08
C GLN B 138 12.78 -12.60 16.27
N VAL B 139 13.14 -11.73 17.21
CA VAL B 139 12.36 -10.50 17.43
C VAL B 139 12.49 -9.54 16.25
N ILE B 140 13.67 -9.45 15.65
CA ILE B 140 13.87 -8.58 14.50
C ILE B 140 13.05 -9.06 13.30
N ASN B 141 12.87 -10.37 13.19
CA ASN B 141 12.02 -10.90 12.12
C ASN B 141 10.53 -10.75 12.44
N GLU B 142 10.15 -10.89 13.70
CA GLU B 142 8.74 -10.72 14.12
C GLU B 142 8.28 -9.24 14.00
N LEU B 143 9.26 -8.34 13.90
CA LEU B 143 9.02 -6.90 13.81
C LEU B 143 8.22 -6.48 12.58
N ASP B 144 8.42 -7.16 11.45
CA ASP B 144 7.59 -6.91 10.25
C ASP B 144 6.10 -6.99 10.57
N ASP B 145 5.72 -7.97 11.39
CA ASP B 145 4.33 -8.15 11.79
C ASP B 145 3.80 -6.86 12.42
N LEU B 146 4.56 -6.24 13.34
CA LEU B 146 4.14 -4.98 13.96
C LEU B 146 4.15 -3.82 12.97
N LEU B 147 5.15 -3.77 12.09
CA LEU B 147 5.21 -2.72 11.09
C LEU B 147 4.11 -2.89 10.05
N GLU B 148 3.92 -4.12 9.55
CA GLU B 148 2.86 -4.39 8.55
C GLU B 148 1.47 -4.13 9.13
N ALA B 149 1.33 -4.40 10.44
CA ALA B 149 0.08 -4.21 11.19
C ALA B 149 0.31 -3.37 12.45
N ARG B 152 -1.71 -0.30 17.34
CA ARG B 152 -1.61 0.28 18.68
C ARG B 152 -2.15 -0.72 19.72
N GLY B 153 -1.31 -1.03 20.72
CA GLY B 153 -1.65 -1.98 21.79
C GLY B 153 -0.93 -3.30 21.58
N ARG B 154 -0.63 -3.59 20.32
CA ARG B 154 0.02 -4.83 19.96
C ARG B 154 1.50 -4.75 20.32
N GLU B 155 2.04 -3.53 20.36
CA GLU B 155 3.46 -3.30 20.73
C GLU B 155 3.77 -3.72 22.18
N VAL B 156 2.79 -3.55 23.07
CA VAL B 156 2.99 -3.92 24.46
C VAL B 156 3.08 -5.44 24.61
N ASP B 157 2.22 -6.18 23.92
CA ASP B 157 2.24 -7.64 23.95
C ASP B 157 3.56 -8.19 23.41
N PHE B 158 4.06 -7.55 22.36
CA PHE B 158 5.32 -7.93 21.73
C PHE B 158 6.49 -7.77 22.71
N VAL B 159 6.54 -6.64 23.41
CA VAL B 159 7.58 -6.41 24.40
C VAL B 159 7.41 -7.34 25.61
N ALA B 160 6.18 -7.56 26.07
CA ALA B 160 5.94 -8.51 27.17
C ALA B 160 6.48 -9.89 26.81
N LYS B 161 6.26 -10.32 25.57
CA LYS B 161 6.75 -11.61 25.09
C LYS B 161 8.27 -11.70 25.02
N MSE B 162 8.92 -10.70 24.44
CA MSE B 162 10.36 -10.68 24.34
C MSE B 162 11.00 -10.74 25.74
O MSE B 162 11.97 -11.48 25.95
CB MSE B 162 10.79 -9.43 23.59
CG MSE B 162 12.29 -9.32 23.40
SE MSE B 162 12.67 -7.60 22.54
CE MSE B 162 12.25 -6.41 24.10
N ILE B 163 10.46 -9.97 26.70
CA ILE B 163 10.92 -10.00 28.06
C ILE B 163 10.75 -11.41 28.67
N ASN B 164 9.57 -12.02 28.49
CA ASN B 164 9.35 -13.38 28.97
C ASN B 164 10.39 -14.34 28.43
N GLU B 165 10.61 -14.30 27.12
CA GLU B 165 11.55 -15.24 26.49
C GLU B 165 12.98 -14.99 26.92
N LEU B 166 13.36 -13.72 27.10
CA LEU B 166 14.69 -13.41 27.54
C LEU B 166 14.93 -13.83 28.99
N ASP B 167 13.95 -13.60 29.88
CA ASP B 167 14.06 -14.01 31.28
C ASP B 167 14.38 -15.52 31.36
N ILE B 168 13.72 -16.32 30.53
CA ILE B 168 13.96 -17.77 30.48
C ILE B 168 15.40 -18.06 30.06
N ILE B 169 15.87 -17.42 28.99
CA ILE B 169 17.22 -17.67 28.56
C ILE B 169 18.23 -17.21 29.61
N GLU B 170 18.00 -16.02 30.20
CA GLU B 170 18.91 -15.47 31.21
C GLU B 170 19.04 -16.36 32.43
N GLU B 171 17.90 -16.90 32.89
CA GLU B 171 17.94 -17.80 34.03
C GLU B 171 18.82 -19.00 33.73
N ASP B 172 18.61 -19.61 32.58
CA ASP B 172 19.41 -20.77 32.20
C ASP B 172 20.89 -20.44 32.05
N THR B 173 21.22 -19.32 31.38
CA THR B 173 22.62 -18.98 31.19
C THR B 173 23.24 -18.61 32.54
N ASP B 174 22.53 -17.90 33.41
CA ASP B 174 23.08 -17.62 34.75
C ASP B 174 23.43 -18.91 35.48
N ASP B 175 22.54 -19.90 35.44
CA ASP B 175 22.85 -21.15 36.14
C ASP B 175 24.04 -21.81 35.55
N LEU B 176 24.10 -21.88 34.23
CA LEU B 176 25.23 -22.54 33.57
C LEU B 176 26.56 -21.84 33.84
N GLN B 177 26.50 -20.52 33.87
CA GLN B 177 27.68 -19.73 34.08
C GLN B 177 28.22 -19.97 35.51
N ILE B 178 27.32 -20.05 36.46
CA ILE B 178 27.70 -20.33 37.84
C ILE B 178 28.34 -21.69 37.96
N GLN B 179 27.71 -22.68 37.36
CA GLN B 179 28.19 -24.04 37.40
C GLN B 179 29.60 -24.12 36.81
N LEU B 180 29.78 -23.47 35.68
CA LEU B 180 31.02 -23.54 34.98
C LEU B 180 32.13 -22.89 35.80
N ARG B 181 31.85 -21.72 36.36
CA ARG B 181 32.86 -21.04 37.18
C ARG B 181 33.18 -21.83 38.45
N ARG B 182 32.18 -22.49 39.00
CA ARG B 182 32.37 -23.32 40.21
C ARG B 182 33.32 -24.48 39.88
N GLN B 183 33.09 -25.12 38.75
CA GLN B 183 33.96 -26.19 38.34
C GLN B 183 35.37 -25.72 38.05
N LEU B 184 35.52 -24.58 37.38
CA LEU B 184 36.87 -24.08 37.12
C LEU B 184 37.57 -23.77 38.44
N PHE B 185 36.85 -23.14 39.36
CA PHE B 185 37.45 -22.78 40.65
C PHE B 185 38.03 -24.01 41.32
N ALA B 186 37.30 -25.13 41.24
CA ALA B 186 37.74 -26.38 41.86
C ALA B 186 39.01 -26.90 41.20
N LEU B 187 39.19 -26.60 39.93
CA LEU B 187 40.35 -27.06 39.21
C LEU B 187 41.54 -26.14 39.22
N GLU B 188 41.38 -24.89 39.63
CA GLU B 188 42.48 -23.89 39.51
C GLU B 188 43.84 -24.34 39.98
N SER B 189 43.85 -25.09 41.06
CA SER B 189 45.11 -25.54 41.63
C SER B 189 45.85 -26.52 40.73
N GLU B 190 45.20 -27.11 39.73
CA GLU B 190 45.83 -28.06 38.85
C GLU B 190 46.27 -27.42 37.54
N LEU B 191 46.02 -26.11 37.36
CA LEU B 191 46.29 -25.46 36.09
C LEU B 191 47.24 -24.29 36.23
N ASN B 192 47.80 -23.84 35.10
CA ASN B 192 48.69 -22.66 35.08
C ASN B 192 47.82 -21.44 35.31
N PRO B 193 48.28 -20.50 36.16
CA PRO B 193 47.43 -19.34 36.46
C PRO B 193 47.01 -18.47 35.27
N VAL B 194 47.86 -18.28 34.26
CA VAL B 194 47.48 -17.49 33.09
C VAL B 194 46.39 -18.25 32.30
N ASP B 195 46.56 -19.54 32.16
CA ASP B 195 45.55 -20.36 31.50
C ASP B 195 44.21 -20.24 32.22
N VAL B 196 44.25 -20.23 33.54
CA VAL B 196 43.03 -20.11 34.31
C VAL B 196 42.34 -18.81 34.00
N MSE B 197 43.08 -17.70 34.07
CA MSE B 197 42.51 -16.39 33.77
C MSE B 197 41.91 -16.35 32.36
O MSE B 197 40.82 -15.81 32.15
CB MSE B 197 43.58 -15.34 33.93
CG MSE B 197 44.04 -15.24 35.35
SE MSE B 197 42.51 -14.97 36.58
CE MSE B 197 41.56 -13.56 35.72
N PHE B 198 42.59 -16.95 31.40
CA PHE B 198 42.02 -17.01 30.04
C PHE B 198 40.76 -17.85 29.90
N LEU B 199 40.64 -18.86 30.75
CA LEU B 199 39.41 -19.62 30.80
C LEU B 199 38.27 -18.75 31.38
N TYR B 200 38.51 -18.02 32.47
CA TYR B 200 37.52 -17.10 32.97
C TYR B 200 37.17 -16.02 31.94
N LYS B 201 38.17 -15.46 31.24
CA LYS B 201 37.93 -14.46 30.22
C LYS B 201 37.06 -15.03 29.09
N THR B 202 37.32 -16.27 28.70
CA THR B 202 36.55 -16.90 27.64
C THR B 202 35.08 -17.04 28.05
N ILE B 203 34.84 -17.48 29.27
CA ILE B 203 33.50 -17.55 29.81
C ILE B 203 32.81 -16.18 29.79
N GLU B 204 33.53 -15.13 30.19
CA GLU B 204 33.03 -13.78 30.19
C GLU B 204 32.71 -13.32 28.74
N TRP B 205 33.63 -13.58 27.80
CA TRP B 205 33.44 -13.14 26.43
C TRP B 205 32.20 -13.78 25.82
N VAL B 206 32.01 -15.07 26.09
CA VAL B 206 30.88 -15.81 25.59
C VAL B 206 29.59 -15.23 26.15
N GLY B 207 29.58 -14.97 27.46
CA GLY B 207 28.47 -14.30 28.10
C GLY B 207 28.15 -12.96 27.44
N GLY B 208 29.18 -12.25 26.96
CA GLY B 208 29.01 -10.99 26.25
C GLY B 208 28.18 -11.10 24.97
N LEU B 209 28.19 -12.26 24.30
CA LEU B 209 27.34 -12.46 23.15
C LEU B 209 25.88 -12.26 23.56
N ALA B 210 25.49 -12.82 24.71
CA ALA B 210 24.13 -12.64 25.22
C ALA B 210 23.84 -11.19 25.65
N ASP B 211 24.82 -10.51 26.23
CA ASP B 211 24.65 -9.11 26.60
C ASP B 211 24.42 -8.26 25.36
N LEU B 212 25.15 -8.53 24.30
CA LEU B 212 24.98 -7.77 23.07
C LEU B 212 23.60 -8.03 22.46
N ALA B 213 23.14 -9.27 22.51
CA ALA B 213 21.82 -9.63 22.00
C ALA B 213 20.73 -8.90 22.77
N GLU B 214 20.94 -8.75 24.07
CA GLU B 214 19.99 -8.05 24.91
C GLU B 214 19.90 -6.60 24.41
N ARG B 215 21.04 -6.00 24.04
CA ARG B 215 21.07 -4.63 23.56
C ARG B 215 20.32 -4.44 22.27
N VAL B 216 20.33 -5.46 21.42
CA VAL B 216 19.57 -5.43 20.20
C VAL B 216 18.09 -5.33 20.55
N GLY B 217 17.65 -6.15 21.48
CA GLY B 217 16.24 -6.09 21.94
C GLY B 217 15.86 -4.75 22.52
N SER B 218 16.77 -4.14 23.29
CA SER B 218 16.55 -2.83 23.90
C SER B 218 16.32 -1.74 22.85
N ARG B 219 17.13 -1.78 21.80
CA ARG B 219 16.99 -0.84 20.72
C ARG B 219 15.64 -1.03 20.01
N LEU B 220 15.21 -2.28 19.82
CA LEU B 220 13.90 -2.50 19.22
C LEU B 220 12.82 -1.91 20.11
N GLU B 221 12.96 -2.14 21.41
CA GLU B 221 12.00 -1.63 22.36
C GLU B 221 11.93 -0.12 22.32
N LEU B 222 13.07 0.55 22.19
CA LEU B 222 13.07 2.02 22.10
C LEU B 222 12.36 2.50 20.83
N MSE B 223 12.57 1.77 19.74
CA MSE B 223 11.91 2.10 18.48
C MSE B 223 10.41 2.03 18.66
O MSE B 223 9.69 2.93 18.24
CB MSE B 223 12.30 1.12 17.37
CG MSE B 223 13.70 1.21 16.93
SE MSE B 223 14.14 -0.10 15.53
CE MSE B 223 13.39 0.55 14.28
N LEU B 224 9.93 0.98 19.31
CA LEU B 224 8.51 0.82 19.55
C LEU B 224 7.95 1.86 20.50
N ALA B 225 8.77 2.40 21.39
CA ALA B 225 8.29 3.43 22.32
C ALA B 225 8.21 4.82 21.75
N ARG B 226 8.74 5.01 20.55
CA ARG B 226 8.73 6.29 19.89
C ARG B 226 7.39 6.50 19.16
N VAL B 227 6.76 5.40 18.76
CA VAL B 227 5.49 5.41 18.02
C VAL B 227 4.29 5.83 18.89
N GLY C 9 -10.45 -8.19 8.92
CA GLY C 9 -9.03 -8.43 8.54
C GLY C 9 -8.86 -8.52 7.04
N VAL C 10 -8.34 -7.44 6.44
CA VAL C 10 -8.07 -7.30 4.99
C VAL C 10 -6.55 -7.31 4.74
N PHE C 11 -6.10 -6.97 3.51
CA PHE C 11 -4.64 -6.95 3.23
C PHE C 11 -4.17 -5.59 3.64
N ALA C 12 -2.85 -5.41 3.73
CA ALA C 12 -2.28 -4.15 4.18
C ALA C 12 -2.76 -3.00 3.31
N LYS C 13 -3.12 -1.88 3.94
CA LYS C 13 -3.54 -0.71 3.20
C LYS C 13 -2.65 0.47 3.54
N SER C 14 -2.52 1.40 2.61
CA SER C 14 -1.77 2.62 2.86
C SER C 14 -2.46 3.38 4.00
N PRO C 15 -1.68 4.09 4.84
CA PRO C 15 -2.24 5.01 5.87
C PRO C 15 -3.00 6.13 5.19
N ILE C 16 -2.68 6.34 3.92
CA ILE C 16 -3.33 7.35 3.12
C ILE C 16 -4.68 6.85 2.56
N LYS C 17 -4.97 5.55 2.59
CA LYS C 17 -6.19 5.07 1.96
C LYS C 17 -7.47 5.72 2.46
N PRO C 18 -7.66 5.82 3.79
CA PRO C 18 -8.89 6.44 4.25
C PRO C 18 -9.05 7.90 3.81
N LEU C 19 -7.94 8.60 3.66
CA LEU C 19 -7.95 9.96 3.16
C LEU C 19 -8.31 9.97 1.71
N GLN C 20 -7.82 9.01 0.95
CA GLN C 20 -8.18 8.92 -0.47
C GLN C 20 -9.70 8.65 -0.63
N GLU C 21 -10.24 7.75 0.19
CA GLU C 21 -11.67 7.45 0.11
C GLU C 21 -12.49 8.70 0.47
N HIS C 22 -12.02 9.50 1.43
CA HIS C 22 -12.70 10.75 1.76
C HIS C 22 -12.61 11.74 0.59
N MSE C 23 -11.43 11.89 0.00
CA MSE C 23 -11.25 12.79 -1.14
C MSE C 23 -12.19 12.37 -2.28
O MSE C 23 -12.85 13.19 -2.96
CB MSE C 23 -9.83 12.74 -1.60
CG MSE C 23 -9.58 13.61 -2.77
SE MSE C 23 -9.77 15.54 -2.31
CE MSE C 23 -10.68 15.85 -3.66
N ASP C 24 -12.27 11.08 -2.53
CA ASP C 24 -13.13 10.60 -3.60
C ASP C 24 -14.59 11.02 -3.39
N LYS C 25 -15.07 10.93 -2.14
CA LYS C 25 -16.42 11.32 -1.80
C LYS C 25 -16.63 12.81 -1.95
N VAL C 26 -15.65 13.59 -1.50
CA VAL C 26 -15.66 15.03 -1.64
C VAL C 26 -15.76 15.46 -3.10
N TYR C 27 -14.94 14.86 -3.96
CA TYR C 27 -14.94 15.14 -5.38
C TYR C 27 -16.30 14.80 -6.00
N ASP C 28 -16.87 13.67 -5.58
CA ASP C 28 -18.19 13.32 -6.05
C ASP C 28 -19.20 14.37 -5.65
N CYS C 29 -19.05 14.90 -4.43
CA CYS C 29 -19.94 15.92 -3.89
C CYS C 29 -19.85 17.21 -4.70
N ALA C 30 -18.63 17.72 -4.90
CA ALA C 30 -18.40 18.93 -5.68
C ALA C 30 -18.87 18.75 -7.13
N SER C 31 -18.59 17.59 -7.70
CA SER C 31 -18.95 17.28 -9.08
C SER C 31 -20.44 17.47 -9.38
N LEU C 32 -21.26 17.21 -8.37
CA LEU C 32 -22.70 17.31 -8.51
C LEU C 32 -23.17 18.75 -8.75
N LEU C 33 -22.31 19.74 -8.51
CA LEU C 33 -22.65 21.12 -8.75
C LEU C 33 -22.90 21.38 -10.23
N VAL C 34 -22.25 20.65 -11.13
CA VAL C 34 -22.49 20.87 -12.55
C VAL C 34 -23.94 20.55 -12.91
N PRO C 35 -24.37 19.29 -12.73
CA PRO C 35 -25.77 19.05 -13.02
C PRO C 35 -26.74 19.88 -12.18
N PHE C 36 -26.37 20.20 -10.96
CA PHE C 36 -27.21 21.08 -10.12
C PHE C 36 -27.45 22.41 -10.82
N PHE C 37 -26.36 23.09 -11.20
CA PHE C 37 -26.51 24.37 -11.92
C PHE C 37 -27.17 24.21 -13.28
N GLU C 38 -26.85 23.15 -14.00
CA GLU C 38 -27.51 22.88 -15.28
C GLU C 38 -29.03 22.79 -15.11
N ALA C 39 -29.49 22.23 -13.99
CA ALA C 39 -30.93 22.15 -13.73
C ALA C 39 -31.51 23.54 -13.46
N THR C 40 -30.80 24.33 -12.65
CA THR C 40 -31.27 25.66 -12.31
C THR C 40 -31.37 26.51 -13.58
N ILE C 41 -30.46 26.26 -14.54
CA ILE C 41 -30.43 27.00 -15.81
C ILE C 41 -31.59 26.64 -16.76
N THR C 42 -32.02 25.39 -16.79
CA THR C 42 -33.20 25.05 -17.61
C THR C 42 -34.48 25.41 -16.86
N GLY C 43 -34.38 25.97 -15.67
CA GLY C 43 -35.55 26.31 -14.88
C GLY C 43 -36.22 25.15 -14.15
N ASN C 44 -35.54 24.01 -14.02
CA ASN C 44 -36.19 22.93 -13.29
C ASN C 44 -35.72 22.88 -11.85
N TRP C 45 -36.39 23.70 -11.04
CA TRP C 45 -36.04 23.83 -9.64
C TRP C 45 -36.36 22.59 -8.82
N ASP C 46 -37.31 21.77 -9.27
CA ASP C 46 -37.64 20.55 -8.58
C ASP C 46 -36.46 19.60 -8.67
N ASP C 47 -35.85 19.51 -9.86
CA ASP C 47 -34.68 18.66 -10.09
C ASP C 47 -33.45 19.22 -9.37
N ALA C 48 -33.31 20.54 -9.38
CA ALA C 48 -32.20 21.17 -8.66
C ALA C 48 -32.28 20.81 -7.17
N VAL C 49 -33.48 20.81 -6.63
CA VAL C 49 -33.66 20.44 -5.23
C VAL C 49 -33.27 18.97 -4.98
N GLN C 50 -33.61 18.11 -5.93
CA GLN C 50 -33.25 16.69 -5.83
C GLN C 50 -31.75 16.46 -5.95
N ILE C 51 -31.09 17.23 -6.82
CA ILE C 51 -29.63 17.16 -6.96
C ILE C 51 -28.95 17.70 -5.71
N ARG C 52 -29.48 18.76 -5.12
CA ARG C 52 -28.95 19.24 -3.85
C ARG C 52 -29.08 18.15 -2.76
N LYS C 53 -30.14 17.33 -2.82
CA LYS C 53 -30.29 16.26 -1.84
C LYS C 53 -29.16 15.25 -2.02
N GLN C 54 -28.71 15.03 -3.26
CA GLN C 54 -27.56 14.18 -3.57
C GLN C 54 -26.25 14.82 -3.05
N ILE C 55 -26.13 16.14 -3.20
CA ILE C 55 -24.97 16.85 -2.69
C ILE C 55 -24.94 16.68 -1.16
N SER C 56 -26.07 16.99 -0.52
CA SER C 56 -26.17 16.88 0.95
C SER C 56 -25.83 15.47 1.46
N LEU C 57 -26.24 14.48 0.70
CA LEU C 57 -25.98 13.08 1.05
C LEU C 57 -24.48 12.75 0.96
N ALA C 58 -23.85 13.18 -0.13
CA ALA C 58 -22.42 13.00 -0.31
C ALA C 58 -21.67 13.72 0.80
N GLU C 59 -22.09 14.93 1.17
CA GLU C 59 -21.43 15.68 2.26
C GLU C 59 -21.61 14.94 3.59
N LYS C 60 -22.80 14.39 3.84
CA LYS C 60 -23.05 13.64 5.08
C LYS C 60 -22.17 12.38 5.14
N GLN C 61 -22.06 11.68 4.01
CA GLN C 61 -21.22 10.51 3.90
C GLN C 61 -19.77 10.88 4.13
N GLY C 62 -19.30 11.96 3.53
CA GLY C 62 -17.93 12.41 3.75
C GLY C 62 -17.73 12.70 5.22
N ASP C 63 -18.68 13.40 5.82
CA ASP C 63 -18.61 13.75 7.24
C ASP C 63 -18.45 12.50 8.13
N SER C 64 -19.09 11.41 7.75
CA SER C 64 -18.97 10.18 8.52
C SER C 64 -17.60 9.56 8.38
N LEU C 65 -17.07 9.55 7.15
CA LEU C 65 -15.72 9.06 6.91
C LEU C 65 -14.74 9.91 7.73
N LYS C 66 -14.98 11.20 7.73
CA LYS C 66 -14.14 12.15 8.48
C LYS C 66 -14.16 11.85 9.98
N ARG C 67 -15.35 11.63 10.53
CA ARG C 67 -15.49 11.29 11.95
C ARG C 67 -14.72 10.01 12.27
N GLU C 68 -14.86 9.00 11.42
CA GLU C 68 -14.22 7.70 11.55
CA GLU C 68 -14.20 7.73 11.65
C GLU C 68 -12.69 7.92 11.69
N ILE C 69 -12.15 8.65 10.72
CA ILE C 69 -10.71 8.94 10.69
C ILE C 69 -10.24 9.67 11.95
N ARG C 70 -10.99 10.68 12.36
CA ARG C 70 -10.63 11.48 13.54
C ARG C 70 -10.61 10.67 14.80
N LEU C 71 -11.44 9.64 14.87
CA LEU C 71 -11.51 8.81 16.06
C LEU C 71 -10.64 7.56 15.97
N THR C 72 -9.94 7.38 14.84
CA THR C 72 -9.05 6.25 14.62
C THR C 72 -7.55 6.63 14.57
N LEU C 73 -7.21 7.56 13.69
CA LEU C 73 -5.83 8.00 13.48
C LEU C 73 -5.05 8.04 14.78
N GLY C 76 -3.15 5.00 16.01
CA GLY C 76 -2.13 4.56 15.05
C GLY C 76 -0.77 4.32 15.69
N LEU C 77 -0.07 3.25 15.28
CA LEU C 77 1.24 2.89 15.85
C LEU C 77 2.40 3.41 15.00
N PHE C 78 3.16 2.50 14.38
CA PHE C 78 4.27 2.89 13.49
C PHE C 78 3.57 3.43 12.25
N MSE C 79 4.05 4.53 11.68
CA MSE C 79 3.34 5.16 10.56
C MSE C 79 4.30 6.06 9.76
O MSE C 79 5.08 6.81 10.32
CB MSE C 79 2.16 5.98 11.11
CG MSE C 79 0.91 5.72 10.32
SE MSE C 79 -0.50 6.91 10.75
CE MSE C 79 -0.78 6.35 12.67
N PRO C 80 4.23 6.01 8.42
CA PRO C 80 5.17 6.72 7.55
C PRO C 80 4.91 8.23 7.34
N VAL C 81 3.78 8.72 7.86
CA VAL C 81 3.43 10.13 7.78
C VAL C 81 2.95 10.60 9.16
N GLU C 82 2.91 11.91 9.36
CA GLU C 82 2.43 12.48 10.63
C GLU C 82 0.92 12.43 10.75
N ARG C 83 0.41 11.93 11.87
CA ARG C 83 -1.02 11.95 12.12
C ARG C 83 -1.57 13.35 11.93
N THR C 84 -0.84 14.35 12.42
CA THR C 84 -1.34 15.71 12.32
C THR C 84 -1.45 16.17 10.87
N ASP C 85 -0.55 15.72 9.99
CA ASP C 85 -0.67 16.15 8.57
C ASP C 85 -1.90 15.54 7.95
N LEU C 86 -2.21 14.30 8.31
CA LEU C 86 -3.41 13.68 7.80
C LEU C 86 -4.66 14.43 8.26
N LEU C 87 -4.66 14.88 9.52
CA LEU C 87 -5.83 15.58 10.03
C LEU C 87 -5.98 16.89 9.28
N GLU C 88 -4.86 17.58 9.10
CA GLU C 88 -4.91 18.88 8.43
C GLU C 88 -5.34 18.69 7.01
N LEU C 89 -4.91 17.61 6.39
CA LEU C 89 -5.37 17.30 5.03
C LEU C 89 -6.90 17.05 5.03
N LEU C 90 -7.36 16.20 5.93
CA LEU C 90 -8.78 15.94 6.07
C LEU C 90 -9.58 17.22 6.24
N THR C 91 -9.11 18.12 7.09
CA THR C 91 -9.81 19.38 7.27
C THR C 91 -10.04 20.13 5.96
N GLN C 92 -9.03 20.20 5.11
CA GLN C 92 -9.17 20.95 3.86
C GLN C 92 -10.08 20.19 2.91
N GLN C 93 -9.92 18.89 2.82
CA GLN C 93 -10.80 18.14 1.95
C GLN C 93 -12.25 18.34 2.36
N ASP C 94 -12.53 18.31 3.65
CA ASP C 94 -13.89 18.45 4.16
C ASP C 94 -14.52 19.78 3.72
N LYS C 95 -13.73 20.83 3.74
CA LYS C 95 -14.21 22.17 3.36
C LYS C 95 -14.76 22.19 1.96
N ILE C 96 -14.18 21.39 1.06
CA ILE C 96 -14.65 21.38 -0.33
C ILE C 96 -16.10 20.87 -0.42
N ALA C 97 -16.39 19.77 0.26
CA ALA C 97 -17.76 19.23 0.29
C ALA C 97 -18.72 20.21 0.98
N ASN C 98 -18.31 20.84 2.06
CA ASN C 98 -19.16 21.83 2.69
C ASN C 98 -19.43 23.02 1.78
N LYS C 99 -18.43 23.42 0.99
CA LYS C 99 -18.56 24.55 0.06
C LYS C 99 -19.62 24.22 -0.95
N ALA C 100 -19.56 23.00 -1.48
CA ALA C 100 -20.53 22.57 -2.48
C ALA C 100 -21.95 22.54 -1.90
N LYS C 101 -22.06 22.09 -0.66
CA LYS C 101 -23.36 22.05 0.00
C LYS C 101 -23.88 23.49 0.25
N ASP C 102 -23.01 24.35 0.77
CA ASP C 102 -23.33 25.75 1.04
C ASP C 102 -23.75 26.56 -0.23
N ILE C 103 -22.97 26.44 -1.30
CA ILE C 103 -23.25 27.12 -2.54
C ILE C 103 -24.63 26.71 -3.04
N SER C 104 -24.87 25.41 -3.13
CA SER C 104 -26.15 24.90 -3.65
C SER C 104 -27.32 25.34 -2.78
N GLY C 105 -27.10 25.41 -1.48
CA GLY C 105 -28.12 25.89 -0.55
C GLY C 105 -28.48 27.34 -0.77
N ARG C 106 -27.47 28.20 -0.99
CA ARG C 106 -27.76 29.60 -1.27
C ARG C 106 -28.49 29.78 -2.59
N VAL C 107 -28.15 28.96 -3.58
CA VAL C 107 -28.81 29.06 -4.88
C VAL C 107 -30.29 28.64 -4.78
N ILE C 108 -30.58 27.51 -4.13
CA ILE C 108 -31.95 27.10 -3.90
C ILE C 108 -32.69 28.19 -3.09
N GLY C 109 -32.01 28.72 -2.07
CA GLY C 109 -32.53 29.74 -1.16
C GLY C 109 -33.03 31.01 -1.82
N ARG C 110 -32.28 31.50 -2.80
CA ARG C 110 -32.64 32.69 -3.55
C ARG C 110 -33.19 32.35 -4.91
N GLN C 111 -33.31 31.06 -5.26
CA GLN C 111 -33.67 30.66 -6.62
C GLN C 111 -32.85 31.51 -7.58
N LEU C 112 -31.56 31.51 -7.36
CA LEU C 112 -30.64 32.37 -8.08
C LEU C 112 -30.47 31.87 -9.51
N LEU C 113 -30.88 32.71 -10.46
CA LEU C 113 -30.75 32.44 -11.90
C LEU C 113 -29.51 33.10 -12.48
N ILE C 114 -28.66 32.31 -13.10
CA ILE C 114 -27.50 32.84 -13.79
C ILE C 114 -28.10 33.42 -15.08
N PRO C 115 -27.87 34.73 -15.36
CA PRO C 115 -28.34 35.39 -16.60
C PRO C 115 -27.93 34.60 -17.84
N GLN C 116 -28.82 34.56 -18.84
CA GLN C 116 -28.61 33.79 -20.07
C GLN C 116 -27.24 33.91 -20.67
N ALA C 117 -26.79 35.14 -20.83
CA ALA C 117 -25.50 35.42 -21.46
C ALA C 117 -24.33 34.84 -20.72
N LEU C 118 -24.50 34.59 -19.42
CA LEU C 118 -23.42 34.07 -18.60
C LEU C 118 -23.50 32.56 -18.40
N GLN C 119 -24.57 31.93 -18.86
CA GLN C 119 -24.76 30.51 -18.58
C GLN C 119 -23.63 29.60 -19.09
N VAL C 120 -23.31 29.72 -20.36
CA VAL C 120 -22.26 28.87 -20.93
C VAL C 120 -20.91 29.10 -20.24
N PRO C 121 -20.44 30.37 -20.19
CA PRO C 121 -19.15 30.58 -19.52
C PRO C 121 -19.14 30.20 -18.02
N PHE C 122 -20.25 30.39 -17.33
CA PHE C 122 -20.32 30.03 -15.95
C PHE C 122 -20.14 28.53 -15.77
N ILE C 123 -20.83 27.74 -16.59
CA ILE C 123 -20.69 26.29 -16.48
C ILE C 123 -19.24 25.87 -16.79
N ALA C 124 -18.62 26.49 -17.80
CA ALA C 124 -17.22 26.19 -18.13
C ALA C 124 -16.29 26.49 -16.96
N TYR C 125 -16.51 27.64 -16.34
CA TYR C 125 -15.73 28.07 -15.19
C TYR C 125 -15.93 27.11 -14.01
N LEU C 126 -17.19 26.80 -13.72
CA LEU C 126 -17.51 25.88 -12.64
C LEU C 126 -16.81 24.53 -12.88
N GLN C 127 -16.89 24.04 -14.11
CA GLN C 127 -16.25 22.77 -14.44
C GLN C 127 -14.74 22.81 -14.25
N ARG C 128 -14.12 23.93 -14.61
CA ARG C 128 -12.66 24.03 -14.48
C ARG C 128 -12.28 24.09 -12.98
N CYS C 129 -13.09 24.75 -12.16
CA CYS C 129 -12.86 24.76 -10.72
C CYS C 129 -13.01 23.35 -10.16
N ILE C 130 -14.02 22.62 -10.62
CA ILE C 130 -14.15 21.23 -10.20
C ILE C 130 -12.93 20.43 -10.68
N ASP C 131 -12.38 20.76 -11.85
CA ASP C 131 -11.18 20.09 -12.36
C ASP C 131 -10.01 20.29 -11.37
N ALA C 132 -9.94 21.45 -10.72
CA ALA C 132 -8.91 21.67 -9.73
C ALA C 132 -9.07 20.65 -8.60
N VAL C 133 -10.31 20.40 -8.19
CA VAL C 133 -10.58 19.42 -7.13
C VAL C 133 -10.11 18.06 -7.64
N GLY C 134 -10.37 17.81 -8.91
CA GLY C 134 -9.93 16.62 -9.59
C GLY C 134 -8.43 16.43 -9.52
N LEU C 135 -7.66 17.50 -9.67
CA LEU C 135 -6.20 17.40 -9.56
C LEU C 135 -5.81 17.05 -8.13
N ALA C 136 -6.50 17.63 -7.15
CA ALA C 136 -6.24 17.32 -5.75
C ALA C 136 -6.48 15.83 -5.53
N GLN C 137 -7.59 15.30 -6.04
CA GLN C 137 -7.89 13.89 -5.95
C GLN C 137 -6.77 13.06 -6.61
N GLN C 138 -6.32 13.52 -7.76
CA GLN C 138 -5.28 12.83 -8.48
C GLN C 138 -4.00 12.75 -7.67
N VAL C 139 -3.56 13.86 -7.11
CA VAL C 139 -2.30 13.88 -6.36
C VAL C 139 -2.36 13.06 -5.06
N ILE C 140 -3.52 13.05 -4.39
CA ILE C 140 -3.70 12.24 -3.18
C ILE C 140 -3.63 10.74 -3.53
N ASN C 141 -4.12 10.35 -4.70
CA ASN C 141 -4.04 8.96 -5.15
C ASN C 141 -2.65 8.58 -5.62
N GLU C 142 -1.98 9.51 -6.30
CA GLU C 142 -0.64 9.31 -6.81
C GLU C 142 0.37 9.20 -5.66
N LEU C 143 -0.05 9.66 -4.48
CA LEU C 143 0.80 9.65 -3.29
C LEU C 143 1.18 8.26 -2.80
N ASP C 144 0.34 7.25 -2.97
CA ASP C 144 0.71 5.87 -2.63
C ASP C 144 1.98 5.45 -3.36
N ASP C 145 2.11 5.88 -4.61
CA ASP C 145 3.29 5.58 -5.41
C ASP C 145 4.54 6.03 -4.67
N LEU C 146 4.55 7.26 -4.15
CA LEU C 146 5.70 7.75 -3.37
C LEU C 146 5.89 7.03 -2.05
N LEU C 147 4.79 6.71 -1.37
CA LEU C 147 4.90 5.99 -0.12
C LEU C 147 5.33 4.55 -0.36
N GLU C 148 4.70 3.86 -1.33
CA GLU C 148 5.04 2.47 -1.66
C GLU C 148 6.50 2.35 -2.12
N ALA C 149 6.92 3.21 -3.03
CA ALA C 149 8.32 3.22 -3.49
C ALA C 149 8.94 4.51 -2.93
N GLY C 150 9.42 5.40 -3.80
CA GLY C 150 9.95 6.69 -3.34
C GLY C 150 11.30 6.64 -2.66
N PHE C 151 12.08 7.68 -2.90
CA PHE C 151 13.42 7.85 -2.35
C PHE C 151 13.86 9.29 -2.64
N ARG C 152 14.65 9.87 -1.72
CA ARG C 152 15.13 11.25 -1.87
C ARG C 152 15.32 11.57 -3.35
N GLY C 153 14.43 12.41 -3.88
CA GLY C 153 14.47 12.80 -5.27
C GLY C 153 13.17 12.60 -6.01
N ARG C 154 12.47 11.47 -5.79
CA ARG C 154 11.27 11.20 -6.55
C ARG C 154 10.21 12.23 -6.09
N GLU C 155 10.38 12.67 -4.84
CA GLU C 155 9.53 13.69 -4.22
C GLU C 155 9.56 15.02 -4.97
N VAL C 156 10.73 15.40 -5.46
CA VAL C 156 10.89 16.67 -6.17
C VAL C 156 10.17 16.63 -7.52
N ASP C 157 10.28 15.51 -8.23
CA ASP C 157 9.60 15.35 -9.51
C ASP C 157 8.09 15.40 -9.32
N PHE C 158 7.60 14.80 -8.22
CA PHE C 158 6.19 14.77 -7.90
C PHE C 158 5.63 16.19 -7.70
N VAL C 159 6.36 16.97 -6.92
CA VAL C 159 5.98 18.37 -6.66
C VAL C 159 6.07 19.20 -7.92
N ALA C 160 7.13 19.02 -8.70
CA ALA C 160 7.27 19.79 -9.95
C ALA C 160 6.08 19.53 -10.90
N LYS C 161 5.66 18.28 -10.98
CA LYS C 161 4.54 17.85 -11.80
C LYS C 161 3.26 18.47 -11.30
N MSE C 162 3.08 18.40 -9.99
CA MSE C 162 1.91 18.97 -9.38
C MSE C 162 1.81 20.46 -9.70
O MSE C 162 0.73 20.95 -10.07
CB MSE C 162 1.99 18.78 -7.88
CG MSE C 162 0.69 19.14 -7.20
SE MSE C 162 0.94 19.05 -5.29
CE MSE C 162 1.95 20.79 -5.03
N ILE C 163 2.92 21.19 -9.55
CA ILE C 163 2.93 22.63 -9.86
C ILE C 163 2.62 22.90 -11.32
N ASN C 164 3.21 22.11 -12.22
CA ASN C 164 2.92 22.29 -13.64
C ASN C 164 1.43 22.14 -13.95
N GLU C 165 0.81 21.11 -13.38
CA GLU C 165 -0.58 20.82 -13.62
C GLU C 165 -1.51 21.87 -13.01
N LEU C 166 -1.17 22.36 -11.83
CA LEU C 166 -1.94 23.42 -11.20
C LEU C 166 -1.82 24.72 -11.98
N ASP C 167 -0.61 25.05 -12.46
CA ASP C 167 -0.43 26.30 -13.25
C ASP C 167 -1.36 26.33 -14.46
N ILE C 168 -1.46 25.19 -15.12
CA ILE C 168 -2.32 25.03 -16.28
C ILE C 168 -3.77 25.28 -15.91
N ILE C 169 -4.24 24.64 -14.84
CA ILE C 169 -5.63 24.82 -14.43
C ILE C 169 -5.87 26.27 -13.98
N GLU C 170 -4.95 26.83 -13.19
CA GLU C 170 -5.05 28.23 -12.72
C GLU C 170 -5.12 29.24 -13.85
N GLU C 171 -4.31 29.05 -14.88
CA GLU C 171 -4.32 29.97 -15.99
C GLU C 171 -5.73 29.99 -16.63
N ASP C 172 -6.28 28.80 -16.89
CA ASP C 172 -7.60 28.69 -17.49
C ASP C 172 -8.69 29.26 -16.59
N THR C 173 -8.65 28.92 -15.32
CA THR C 173 -9.66 29.41 -14.40
C THR C 173 -9.56 30.92 -14.25
N ASP C 174 -8.35 31.46 -14.24
CA ASP C 174 -8.18 32.93 -14.19
C ASP C 174 -8.77 33.62 -15.44
N ASP C 175 -8.54 33.08 -16.63
CA ASP C 175 -9.12 33.62 -17.85
C ASP C 175 -10.63 33.55 -17.81
N LEU C 176 -11.17 32.40 -17.43
CA LEU C 176 -12.63 32.24 -17.40
C LEU C 176 -13.30 33.14 -16.37
N GLN C 177 -12.62 33.37 -15.26
CA GLN C 177 -13.13 34.21 -14.18
C GLN C 177 -13.18 35.67 -14.63
N ILE C 178 -12.15 36.10 -15.33
CA ILE C 178 -12.09 37.45 -15.88
C ILE C 178 -13.21 37.65 -16.92
N GLN C 179 -13.32 36.72 -17.86
CA GLN C 179 -14.35 36.76 -18.91
C GLN C 179 -15.74 36.87 -18.27
N LEU C 180 -15.98 36.05 -17.27
CA LEU C 180 -17.25 35.98 -16.61
C LEU C 180 -17.58 37.28 -15.89
N ARG C 181 -16.60 37.83 -15.18
CA ARG C 181 -16.80 39.09 -14.48
C ARG C 181 -16.98 40.26 -15.46
N ARG C 182 -16.26 40.22 -16.57
CA ARG C 182 -16.38 41.24 -17.61
C ARG C 182 -17.81 41.20 -18.20
N GLN C 183 -18.35 40.02 -18.45
CA GLN C 183 -19.71 39.91 -18.98
C GLN C 183 -20.75 40.35 -17.98
N LEU C 184 -20.55 40.00 -16.71
CA LEU C 184 -21.47 40.43 -15.66
C LEU C 184 -21.47 41.94 -15.55
N PHE C 185 -20.28 42.53 -15.56
CA PHE C 185 -20.12 43.99 -15.47
C PHE C 185 -20.91 44.71 -16.59
N ALA C 186 -20.87 44.18 -17.82
CA ALA C 186 -21.62 44.70 -18.96
C ALA C 186 -23.15 44.59 -18.78
N LEU C 187 -23.59 43.62 -17.98
CA LEU C 187 -25.01 43.38 -17.74
C LEU C 187 -25.60 44.04 -16.53
N GLU C 188 -24.76 44.56 -15.64
CA GLU C 188 -25.22 45.15 -14.37
C GLU C 188 -26.37 46.08 -14.42
N SER C 189 -26.37 46.94 -15.43
CA SER C 189 -27.42 47.92 -15.60
C SER C 189 -28.79 47.31 -15.88
N GLU C 190 -28.84 46.04 -16.28
CA GLU C 190 -30.08 45.35 -16.58
C GLU C 190 -30.63 44.58 -15.37
N LEU C 191 -29.88 44.55 -14.28
CA LEU C 191 -30.21 43.70 -13.13
C LEU C 191 -30.40 44.43 -11.81
N ASN C 192 -31.05 43.76 -10.87
CA ASN C 192 -31.21 44.30 -9.52
C ASN C 192 -29.85 44.28 -8.81
N PRO C 193 -29.50 45.37 -8.12
CA PRO C 193 -28.15 45.36 -7.55
C PRO C 193 -27.80 44.27 -6.54
N VAL C 194 -28.79 43.79 -5.76
CA VAL C 194 -28.55 42.72 -4.83
C VAL C 194 -28.25 41.44 -5.63
N ASP C 195 -29.01 41.20 -6.68
CA ASP C 195 -28.76 40.02 -7.50
C ASP C 195 -27.34 40.06 -8.08
N VAL C 196 -26.96 41.23 -8.53
CA VAL C 196 -25.63 41.45 -9.08
C VAL C 196 -24.55 41.02 -8.06
N MSE C 197 -24.68 41.51 -6.83
CA MSE C 197 -23.76 41.19 -5.75
C MSE C 197 -23.72 39.71 -5.47
O MSE C 197 -22.62 39.14 -5.36
CB MSE C 197 -23.96 42.00 -4.48
CG MSE C 197 -23.77 43.53 -4.60
SE MSE C 197 -22.17 44.06 -5.59
CE MSE C 197 -20.84 43.19 -4.53
N PHE C 198 -24.90 39.07 -5.42
CA PHE C 198 -24.94 37.62 -5.28
C PHE C 198 -24.35 36.82 -6.45
N LEU C 199 -24.40 37.35 -7.68
CA LEU C 199 -23.75 36.71 -8.81
C LEU C 199 -22.21 36.80 -8.66
N TYR C 200 -21.70 37.97 -8.28
CA TYR C 200 -20.28 38.07 -8.00
C TYR C 200 -19.88 37.12 -6.86
N LYS C 201 -20.71 37.03 -5.82
CA LYS C 201 -20.43 36.15 -4.72
C LYS C 201 -20.39 34.70 -5.18
N THR C 202 -21.31 34.33 -6.07
CA THR C 202 -21.37 32.96 -6.58
C THR C 202 -20.09 32.63 -7.32
N ILE C 203 -19.65 33.55 -8.16
CA ILE C 203 -18.39 33.39 -8.89
C ILE C 203 -17.22 33.20 -7.95
N GLU C 204 -17.19 33.99 -6.89
CA GLU C 204 -16.16 33.90 -5.88
C GLU C 204 -16.23 32.57 -5.14
N TRP C 205 -17.41 32.16 -4.71
CA TRP C 205 -17.55 30.91 -4.00
C TRP C 205 -17.10 29.73 -4.83
N VAL C 206 -17.42 29.77 -6.11
CA VAL C 206 -17.03 28.70 -7.01
C VAL C 206 -15.53 28.64 -7.11
N GLY C 207 -14.91 29.81 -7.32
CA GLY C 207 -13.45 29.91 -7.34
C GLY C 207 -12.85 29.30 -6.06
N GLY C 208 -13.53 29.50 -4.92
CA GLY C 208 -13.10 28.94 -3.64
C GLY C 208 -12.92 27.41 -3.64
N LEU C 209 -13.65 26.72 -4.52
CA LEU C 209 -13.46 25.29 -4.67
C LEU C 209 -12.01 25.03 -5.13
N ALA C 210 -11.55 25.83 -6.08
CA ALA C 210 -10.19 25.69 -6.58
C ALA C 210 -9.16 26.15 -5.54
N ASP C 211 -9.45 27.19 -4.79
CA ASP C 211 -8.54 27.64 -3.74
C ASP C 211 -8.35 26.53 -2.69
N LEU C 212 -9.46 25.90 -2.30
CA LEU C 212 -9.42 24.83 -1.30
C LEU C 212 -8.61 23.63 -1.83
N ALA C 213 -8.79 23.32 -3.10
CA ALA C 213 -8.06 22.25 -3.74
C ALA C 213 -6.58 22.53 -3.72
N GLU C 214 -6.21 23.78 -3.93
CA GLU C 214 -4.79 24.17 -3.89
C GLU C 214 -4.22 23.93 -2.48
N ARG C 215 -4.99 24.24 -1.45
CA ARG C 215 -4.55 23.99 -0.08
C ARG C 215 -4.29 22.52 0.20
N VAL C 216 -5.08 21.63 -0.42
CA VAL C 216 -4.87 20.19 -0.28
C VAL C 216 -3.47 19.86 -0.79
N GLY C 217 -3.18 20.38 -1.97
CA GLY C 217 -1.87 20.16 -2.57
C GLY C 217 -0.75 20.77 -1.74
N SER C 218 -1.00 21.89 -1.10
CA SER C 218 0.01 22.52 -0.23
C SER C 218 0.33 21.68 0.97
N ARG C 219 -0.70 21.06 1.54
CA ARG C 219 -0.50 20.18 2.67
C ARG C 219 0.32 18.98 2.24
N LEU C 220 0.03 18.41 1.07
CA LEU C 220 0.80 17.26 0.59
C LEU C 220 2.25 17.63 0.47
N GLU C 221 2.45 18.80 -0.10
CA GLU C 221 3.80 19.32 -0.29
C GLU C 221 4.55 19.50 1.04
N LEU C 222 3.85 19.95 2.09
CA LEU C 222 4.49 20.06 3.40
C LEU C 222 4.85 18.69 3.98
N MSE C 223 3.99 17.70 3.77
CA MSE C 223 4.27 16.34 4.23
C MSE C 223 5.52 15.84 3.57
O MSE C 223 6.40 15.30 4.24
CB MSE C 223 3.11 15.43 3.85
CG MSE C 223 1.90 15.74 4.59
SE MSE C 223 0.46 14.69 3.87
CE MSE C 223 1.06 13.08 4.19
N LEU C 224 5.59 15.98 2.25
CA LEU C 224 6.77 15.53 1.52
C LEU C 224 8.01 16.26 2.01
N ALA C 225 7.87 17.49 2.45
CA ALA C 225 9.04 18.24 2.94
C ALA C 225 9.52 17.88 4.34
N ARG C 226 8.79 17.04 5.08
CA ARG C 226 9.27 16.57 6.41
C ARG C 226 10.18 15.36 6.29
N VAL C 227 10.02 14.54 5.22
CA VAL C 227 10.76 13.30 5.01
C VAL C 227 12.25 13.50 4.72
CL CL D . -25.92 -10.37 -28.33
C1 GOL E . -19.37 -11.03 -24.65
O1 GOL E . -18.96 -11.06 -23.29
C2 GOL E . -20.18 -9.77 -24.89
O2 GOL E . -19.48 -8.56 -24.99
C3 GOL E . -21.14 -9.85 -26.06
O3 GOL E . -20.58 -10.10 -27.28
CL CL F . 43.56 -10.23 26.79
C1 GOL G . 31.62 -17.59 40.34
O1 GOL G . 30.35 -17.96 40.87
C2 GOL G . 32.95 -17.95 41.03
O2 GOL G . 33.23 -19.34 41.29
C3 GOL G . 34.03 -17.28 40.17
O3 GOL G . 35.30 -17.88 40.01
CL CL H . -24.17 36.28 2.27
C1 GOL I . -30.61 33.71 1.06
O1 GOL I . -29.58 34.64 0.73
C2 GOL I . -30.02 32.35 1.43
O2 GOL I . -29.64 31.73 0.26
C3 GOL I . -31.03 31.43 2.10
O3 GOL I . -30.39 30.19 2.43
C1 GOL J . -22.57 30.50 1.18
O1 GOL J . -23.20 31.21 2.23
C2 GOL J . -21.21 30.01 1.67
O2 GOL J . -20.56 31.04 2.39
C3 GOL J . -20.40 29.51 0.49
O3 GOL J . -19.10 29.20 0.91
#